data_1CQ1
#
_entry.id   1CQ1
#
_cell.length_a   60.899
_cell.length_b   91.972
_cell.length_c   85.747
_cell.angle_alpha   90.00
_cell.angle_beta   104.62
_cell.angle_gamma   90.00
#
_symmetry.space_group_name_H-M   'P 1 21 1'
#
loop_
_entity.id
_entity.type
_entity.pdbx_description
1 polymer 'SOLUBLE QUINOPROTEIN GLUCOSE DEHYDROGENASE'
2 non-polymer beta-D-glucopyranose
3 non-polymer 'CALCIUM ION'
4 non-polymer 'PYRROLOQUINOLINE QUINONE'
5 water water
#
_entity_poly.entity_id   1
_entity_poly.type   'polypeptide(L)'
_entity_poly.pdbx_seq_one_letter_code
;DVPLTPSQFAKAKSENFDKKVILSNLNKPHALLWGPDNQIWLTERATGKILRVNPESGSVKTVFQVPEIVNDADGQNGLL
GFAFHPDFKNNPYIYISGTFKNPKSTDKELPNQTIIRRYTYNKSTDTLEKPVDLLAGLPSSKDHQSGRLVIGPDQKIYYT
IGDQGRNQLAYLFLPNQAQHTPTQQELNGKDYHTYMGKVLRLNLDGSIPKDNPSFNGVVSHIYTLGHRNPQGLAFTPNGK
LLQSEQGPNSDDEINLIVKGGNYGWPNVAGYKDDSGYAYANYSAAANKSIKDLAQNGVKVAAGVPVTKESEWTGKNFVPP
LKTLYTVQDTYNYNDPTCGEMTYICWPTVAPSSAYVYKGGKKAITGWENTLLVPSLKRGVIFRIKLDPTYSTTYDDAVPM
FKSNNRYRDVIASPDGNVLYVLTDTAGNVQKDDGSVTNTLENPGSLIKFTYKAK
;
_entity_poly.pdbx_strand_id   A,B
#
loop_
_chem_comp.id
_chem_comp.type
_chem_comp.name
_chem_comp.formula
BGC D-saccharide, beta linking beta-D-glucopyranose 'C6 H12 O6'
CA non-polymer 'CALCIUM ION' 'Ca 2'
PQQ non-polymer 'PYRROLOQUINOLINE QUINONE' 'C14 H6 N2 O8'
#
# COMPACT_ATOMS: atom_id res chain seq x y z
N ASP A 1 10.21 -2.60 2.41
CA ASP A 1 11.49 -2.07 1.87
C ASP A 1 12.67 -2.98 2.25
N VAL A 2 13.79 -2.80 1.57
CA VAL A 2 14.99 -3.60 1.80
C VAL A 2 15.86 -2.90 2.85
N PRO A 3 16.46 -3.66 3.74
CA PRO A 3 17.29 -3.08 4.79
C PRO A 3 18.45 -2.26 4.26
N LEU A 4 18.76 -1.15 4.95
CA LEU A 4 19.98 -0.42 4.62
C LEU A 4 21.14 -1.19 5.25
N THR A 5 22.37 -0.92 4.86
CA THR A 5 23.51 -1.58 5.51
C THR A 5 24.12 -0.68 6.58
N PRO A 6 24.90 -1.26 7.47
CA PRO A 6 25.58 -0.52 8.51
C PRO A 6 26.19 0.76 7.95
N SER A 7 26.80 0.63 6.78
CA SER A 7 27.47 1.73 6.11
C SER A 7 26.51 2.79 5.59
N GLN A 8 25.29 2.37 5.25
CA GLN A 8 24.29 3.32 4.78
C GLN A 8 23.73 4.09 5.97
N PHE A 9 23.56 3.42 7.11
CA PHE A 9 23.15 4.12 8.32
C PHE A 9 24.29 5.06 8.75
N ALA A 10 25.48 4.47 8.86
CA ALA A 10 26.67 5.19 9.27
C ALA A 10 26.83 6.54 8.59
N LYS A 11 26.43 6.62 7.32
CA LYS A 11 26.58 7.84 6.54
C LYS A 11 25.46 8.84 6.71
N ALA A 12 24.40 8.50 7.44
CA ALA A 12 23.29 9.44 7.61
C ALA A 12 23.52 10.38 8.78
N LYS A 13 24.64 11.11 8.74
CA LYS A 13 25.03 11.99 9.83
C LYS A 13 24.39 13.37 9.83
N SER A 14 23.81 13.80 8.71
CA SER A 14 23.12 15.07 8.62
C SER A 14 23.98 16.24 9.07
N GLU A 15 25.11 16.39 8.38
CA GLU A 15 26.08 17.44 8.65
C GLU A 15 25.47 18.81 8.37
N ASN A 16 24.21 18.84 7.97
CA ASN A 16 23.51 20.07 7.63
C ASN A 16 22.69 20.67 8.77
N PHE A 17 22.69 20.03 9.94
CA PHE A 17 22.00 20.57 11.10
C PHE A 17 23.02 20.81 12.22
N ASP A 18 22.68 21.70 13.15
CA ASP A 18 23.50 21.94 14.32
C ASP A 18 22.86 21.34 15.57
N LYS A 19 23.56 20.43 16.22
CA LYS A 19 23.07 19.75 17.41
C LYS A 19 23.34 20.62 18.65
N LYS A 20 22.43 20.59 19.61
CA LYS A 20 22.60 21.33 20.86
C LYS A 20 21.75 20.65 21.92
N VAL A 21 22.37 20.11 22.95
CA VAL A 21 21.65 19.45 24.03
C VAL A 21 20.95 20.48 24.90
N ILE A 22 19.64 20.39 25.07
CA ILE A 22 18.88 21.33 25.87
C ILE A 22 18.82 20.87 27.33
N LEU A 23 18.53 19.61 27.56
CA LEU A 23 18.46 19.01 28.89
C LEU A 23 19.17 17.66 28.79
N SER A 24 19.84 17.22 29.86
CA SER A 24 20.54 15.95 29.77
C SER A 24 20.33 15.04 30.98
N ASN A 25 19.62 15.51 31.99
CA ASN A 25 19.48 14.69 33.20
C ASN A 25 18.17 13.92 33.26
N LEU A 26 17.54 13.62 32.12
CA LEU A 26 16.22 13.01 32.17
C LEU A 26 16.20 11.53 32.49
N ASN A 27 15.15 11.11 33.21
CA ASN A 27 15.01 9.71 33.53
C ASN A 27 13.94 9.08 32.64
N LYS A 28 14.40 8.34 31.63
CA LYS A 28 13.49 7.65 30.72
C LYS A 28 12.44 8.58 30.14
N PRO A 29 12.89 9.63 29.47
CA PRO A 29 12.01 10.57 28.80
C PRO A 29 11.28 9.78 27.71
N HIS A 30 9.97 9.99 27.58
CA HIS A 30 9.20 9.15 26.66
C HIS A 30 8.45 9.94 25.60
N ALA A 31 7.54 10.82 25.99
CA ALA A 31 6.77 11.58 25.03
C ALA A 31 7.09 13.08 25.08
N LEU A 32 7.05 13.69 23.90
CA LEU A 32 7.24 15.15 23.93
C LEU A 32 6.30 15.83 22.96
N LEU A 33 5.79 16.98 23.41
CA LEU A 33 4.80 17.70 22.65
C LEU A 33 5.16 19.18 22.55
N TRP A 34 4.59 19.84 21.53
CA TRP A 34 4.68 21.29 21.47
C TRP A 34 3.40 21.76 22.15
N GLY A 35 3.54 22.52 23.24
CA GLY A 35 2.35 22.85 24.03
C GLY A 35 1.58 24.01 23.46
N PRO A 36 0.32 24.14 23.86
CA PRO A 36 -0.52 25.26 23.47
C PRO A 36 0.00 26.59 24.00
N ASP A 37 1.00 26.53 24.86
CA ASP A 37 1.61 27.70 25.47
C ASP A 37 2.93 28.02 24.79
N ASN A 38 3.24 27.29 23.73
CA ASN A 38 4.47 27.42 22.97
C ASN A 38 5.71 26.98 23.74
N GLN A 39 5.54 26.14 24.75
CA GLN A 39 6.66 25.52 25.42
C GLN A 39 6.69 24.04 25.02
N ILE A 40 7.81 23.39 25.30
CA ILE A 40 7.95 21.96 25.09
C ILE A 40 7.59 21.22 26.37
N TRP A 41 6.61 20.34 26.29
CA TRP A 41 6.25 19.51 27.45
C TRP A 41 6.69 18.07 27.17
N LEU A 42 7.19 17.39 28.19
CA LEU A 42 7.70 16.05 27.99
C LEU A 42 7.44 15.22 29.24
N THR A 43 7.46 13.91 29.10
CA THR A 43 7.20 13.03 30.22
C THR A 43 8.43 12.19 30.57
N GLU A 44 8.44 11.75 31.83
CA GLU A 44 9.44 10.80 32.30
C GLU A 44 8.60 9.57 32.62
N ARG A 45 8.86 8.47 31.94
CA ARG A 45 8.02 7.28 32.05
C ARG A 45 8.10 6.62 33.42
N ALA A 46 9.30 6.54 33.97
CA ALA A 46 9.48 5.86 35.26
C ALA A 46 8.98 6.67 36.44
N THR A 47 9.26 7.96 36.46
CA THR A 47 8.91 8.82 37.59
C THR A 47 7.49 9.34 37.54
N GLY A 48 6.89 9.39 36.34
CA GLY A 48 5.54 9.93 36.23
C GLY A 48 5.54 11.44 36.17
N LYS A 49 6.70 12.06 36.05
CA LYS A 49 6.83 13.49 35.97
C LYS A 49 6.44 14.04 34.60
N ILE A 50 5.81 15.20 34.63
CA ILE A 50 5.53 15.99 33.44
C ILE A 50 6.31 17.29 33.50
N LEU A 51 7.27 17.44 32.59
CA LEU A 51 8.10 18.64 32.57
C LEU A 51 7.73 19.60 31.45
N ARG A 52 8.00 20.88 31.69
CA ARG A 52 7.82 21.92 30.70
C ARG A 52 9.14 22.66 30.52
N VAL A 53 9.59 22.76 29.28
CA VAL A 53 10.86 23.38 28.94
C VAL A 53 10.64 24.60 28.04
N ASN A 54 11.30 25.70 28.39
CA ASN A 54 11.26 26.91 27.56
C ASN A 54 12.16 26.66 26.35
N PRO A 55 11.60 26.63 25.15
CA PRO A 55 12.33 26.29 23.95
C PRO A 55 13.47 27.24 23.66
N GLU A 56 13.28 28.48 24.10
CA GLU A 56 14.29 29.52 23.94
C GLU A 56 15.44 29.33 24.94
N SER A 57 15.12 29.52 26.22
CA SER A 57 16.10 29.48 27.29
C SER A 57 16.54 28.10 27.74
N GLY A 58 15.64 27.13 27.76
CA GLY A 58 16.04 25.78 28.19
C GLY A 58 15.72 25.61 29.67
N SER A 59 15.09 26.62 30.26
CA SER A 59 14.67 26.51 31.66
C SER A 59 13.55 25.47 31.75
N VAL A 60 13.60 24.62 32.76
CA VAL A 60 12.63 23.55 32.92
C VAL A 60 11.94 23.59 34.27
N LYS A 61 10.66 23.25 34.29
CA LYS A 61 9.87 23.13 35.50
C LYS A 61 9.16 21.79 35.54
N THR A 62 9.09 21.17 36.72
CA THR A 62 8.33 19.95 36.88
C THR A 62 6.89 20.39 37.17
N VAL A 63 6.02 20.36 36.16
CA VAL A 63 4.68 20.88 36.33
C VAL A 63 3.86 19.99 37.24
N PHE A 64 4.06 18.68 37.17
CA PHE A 64 3.29 17.74 37.98
C PHE A 64 3.97 16.38 37.91
N GLN A 65 3.75 15.57 38.93
CA GLN A 65 4.23 14.20 38.96
C GLN A 65 3.00 13.31 39.21
N VAL A 66 2.69 12.47 38.21
CA VAL A 66 1.52 11.60 38.34
C VAL A 66 1.79 10.59 39.45
N PRO A 67 1.01 10.66 40.52
CA PRO A 67 1.19 9.81 41.67
C PRO A 67 0.91 8.34 41.43
N GLU A 68 1.67 7.50 42.12
CA GLU A 68 1.47 6.05 42.10
C GLU A 68 1.69 5.41 40.73
N ILE A 69 2.53 6.01 39.90
CA ILE A 69 2.88 5.40 38.61
C ILE A 69 3.75 4.18 38.89
N VAL A 70 3.40 3.06 38.30
CA VAL A 70 4.15 1.82 38.48
C VAL A 70 5.08 1.57 37.29
N ASN A 71 6.33 1.25 37.58
CA ASN A 71 7.33 1.02 36.55
C ASN A 71 8.37 -0.02 36.93
N ASP A 72 8.51 -1.04 36.11
CA ASP A 72 9.55 -2.05 36.28
C ASP A 72 10.82 -1.63 35.56
N ALA A 73 11.94 -1.68 36.28
CA ALA A 73 13.23 -1.33 35.72
C ALA A 73 13.49 -2.04 34.40
N ASP A 74 13.04 -3.27 34.31
CA ASP A 74 13.23 -4.09 33.11
C ASP A 74 12.00 -4.03 32.19
N GLY A 75 11.20 -2.97 32.30
CA GLY A 75 9.96 -2.91 31.54
C GLY A 75 9.72 -1.65 30.74
N GLN A 76 8.61 -1.68 29.99
CA GLN A 76 8.18 -0.58 29.14
C GLN A 76 6.91 0.04 29.70
N ASN A 77 6.64 -0.22 30.98
CA ASN A 77 5.49 0.35 31.68
C ASN A 77 5.84 1.67 32.36
N GLY A 78 4.83 2.36 32.87
CA GLY A 78 5.03 3.67 33.48
C GLY A 78 4.01 4.67 32.99
N LEU A 79 4.38 5.93 32.94
CA LEU A 79 3.51 6.99 32.42
C LEU A 79 3.65 6.93 30.88
N LEU A 80 2.53 6.77 30.18
CA LEU A 80 2.68 6.57 28.71
C LEU A 80 1.99 7.65 27.90
N GLY A 81 0.67 7.58 27.79
CA GLY A 81 -0.13 8.50 27.01
C GLY A 81 -0.01 9.93 27.51
N PHE A 82 0.02 10.89 26.61
CA PHE A 82 0.09 12.29 26.99
C PHE A 82 -0.40 13.16 25.84
N ALA A 83 -1.47 13.91 26.04
CA ALA A 83 -2.00 14.85 25.06
C ALA A 83 -2.74 16.01 25.72
N PHE A 84 -2.80 17.12 25.02
CA PHE A 84 -3.60 18.27 25.40
C PHE A 84 -4.95 18.28 24.67
N HIS A 85 -5.96 18.83 25.31
CA HIS A 85 -7.24 19.08 24.60
C HIS A 85 -6.95 20.11 23.51
N PRO A 86 -7.48 19.88 22.31
CA PRO A 86 -7.26 20.74 21.16
C PRO A 86 -7.68 22.18 21.34
N ASP A 87 -8.69 22.43 22.18
CA ASP A 87 -9.09 23.81 22.48
C ASP A 87 -8.72 24.13 23.93
N PHE A 88 -7.42 24.09 24.22
CA PHE A 88 -6.92 24.20 25.58
C PHE A 88 -7.40 25.45 26.31
N LYS A 89 -7.35 26.60 25.63
CA LYS A 89 -7.79 27.85 26.23
C LYS A 89 -9.17 27.71 26.88
N ASN A 90 -10.07 26.99 26.23
CA ASN A 90 -11.43 26.84 26.72
C ASN A 90 -11.68 25.50 27.40
N ASN A 91 -10.75 24.57 27.24
CA ASN A 91 -10.87 23.24 27.84
C ASN A 91 -9.47 22.80 28.28
N PRO A 92 -9.00 23.37 29.38
CA PRO A 92 -7.66 23.12 29.88
C PRO A 92 -7.50 21.75 30.50
N TYR A 93 -7.60 20.72 29.64
CA TYR A 93 -7.44 19.36 30.11
C TYR A 93 -6.20 18.70 29.50
N ILE A 94 -5.59 17.83 30.30
CA ILE A 94 -4.45 17.06 29.84
C ILE A 94 -4.86 15.59 29.99
N TYR A 95 -4.65 14.82 28.92
CA TYR A 95 -5.03 13.41 28.94
C TYR A 95 -3.78 12.55 29.04
N ILE A 96 -3.78 11.56 29.93
CA ILE A 96 -2.65 10.66 30.04
C ILE A 96 -3.14 9.22 30.15
N SER A 97 -2.18 8.31 30.03
CA SER A 97 -2.38 6.90 30.30
C SER A 97 -1.17 6.51 31.16
N GLY A 98 -1.41 5.59 32.08
CA GLY A 98 -0.29 5.20 32.95
C GLY A 98 -0.56 3.82 33.55
N THR A 99 0.53 3.20 33.95
CA THR A 99 0.49 1.90 34.60
C THR A 99 0.27 2.12 36.10
N PHE A 100 -0.82 1.57 36.61
CA PHE A 100 -1.15 1.69 38.02
C PHE A 100 -1.47 0.30 38.57
N LYS A 101 -1.30 0.12 39.88
CA LYS A 101 -1.63 -1.18 40.46
C LYS A 101 -3.12 -1.44 40.30
N ASN A 102 -3.48 -2.70 40.11
CA ASN A 102 -4.89 -3.06 39.93
C ASN A 102 -5.40 -3.69 41.22
N PRO A 103 -6.16 -2.92 41.99
CA PRO A 103 -6.73 -3.41 43.24
C PRO A 103 -7.48 -4.71 43.02
N LYS A 104 -8.27 -4.82 41.96
CA LYS A 104 -9.02 -6.03 41.66
C LYS A 104 -8.14 -7.16 41.15
N PRO A 111 -0.24 -7.73 38.03
CA PRO A 111 -0.84 -6.98 39.12
C PRO A 111 -1.35 -5.60 38.71
N ASN A 112 -0.83 -5.08 37.61
CA ASN A 112 -1.17 -3.72 37.19
C ASN A 112 -2.28 -3.66 36.16
N GLN A 113 -2.78 -2.47 35.93
CA GLN A 113 -3.76 -2.11 34.93
C GLN A 113 -3.26 -0.83 34.27
N THR A 114 -3.81 -0.52 33.11
CA THR A 114 -3.49 0.74 32.45
C THR A 114 -4.72 1.61 32.64
N ILE A 115 -4.52 2.90 32.93
CA ILE A 115 -5.66 3.79 33.10
C ILE A 115 -5.49 5.03 32.22
N ILE A 116 -6.55 5.35 31.48
CA ILE A 116 -6.57 6.57 30.69
C ILE A 116 -7.27 7.60 31.61
N ARG A 117 -6.56 8.68 31.91
CA ARG A 117 -7.05 9.66 32.86
C ARG A 117 -6.94 11.09 32.38
N ARG A 118 -7.91 11.92 32.78
CA ARG A 118 -7.87 13.34 32.50
C ARG A 118 -7.45 14.15 33.75
N TYR A 119 -6.76 15.25 33.53
CA TYR A 119 -6.41 16.20 34.56
C TYR A 119 -6.85 17.58 34.06
N THR A 120 -7.16 18.47 34.99
CA THR A 120 -7.46 19.86 34.62
C THR A 120 -6.24 20.71 34.93
N TYR A 121 -5.82 21.54 33.98
CA TYR A 121 -4.68 22.41 34.19
C TYR A 121 -5.12 23.70 34.86
N ASN A 122 -4.42 24.10 35.92
CA ASN A 122 -4.71 25.35 36.62
C ASN A 122 -3.59 26.33 36.38
N LYS A 123 -3.80 27.29 35.47
CA LYS A 123 -2.75 28.23 35.11
C LYS A 123 -2.26 29.09 36.26
N SER A 124 -3.14 29.42 37.21
CA SER A 124 -2.73 30.32 38.29
C SER A 124 -1.77 29.65 39.26
N THR A 125 -1.90 28.34 39.41
CA THR A 125 -1.01 27.58 40.29
C THR A 125 -0.02 26.76 39.47
N ASP A 126 -0.23 26.77 38.16
CA ASP A 126 0.62 26.02 37.24
C ASP A 126 0.78 24.58 37.65
N THR A 127 -0.34 23.88 37.86
CA THR A 127 -0.27 22.45 38.16
C THR A 127 -1.53 21.76 37.66
N LEU A 128 -1.56 20.44 37.78
CA LEU A 128 -2.68 19.63 37.33
C LEU A 128 -3.52 19.24 38.54
N GLU A 129 -4.83 19.08 38.34
CA GLU A 129 -5.70 18.67 39.43
C GLU A 129 -6.98 18.03 38.91
N LYS A 130 -7.84 17.61 39.85
CA LYS A 130 -9.14 17.05 39.50
C LYS A 130 -9.03 15.92 38.49
N PRO A 131 -8.26 14.91 38.86
CA PRO A 131 -8.08 13.72 38.05
C PRO A 131 -9.41 13.01 37.82
N VAL A 132 -9.64 12.55 36.60
CA VAL A 132 -10.84 11.80 36.26
C VAL A 132 -10.42 10.55 35.48
N ASP A 133 -10.73 9.38 36.01
CA ASP A 133 -10.40 8.13 35.31
C ASP A 133 -11.40 7.96 34.16
N LEU A 134 -10.94 8.07 32.93
CA LEU A 134 -11.85 7.94 31.78
C LEU A 134 -12.07 6.46 31.48
N LEU A 135 -10.99 5.70 31.45
CA LEU A 135 -11.07 4.27 31.15
C LEU A 135 -10.01 3.55 31.97
N ALA A 136 -10.48 2.64 32.83
CA ALA A 136 -9.59 1.88 33.68
C ALA A 136 -9.77 0.38 33.46
N GLY A 137 -8.87 -0.40 34.04
CA GLY A 137 -8.96 -1.86 33.90
C GLY A 137 -8.44 -2.33 32.55
N LEU A 138 -7.67 -1.48 31.86
CA LEU A 138 -7.05 -1.89 30.61
C LEU A 138 -5.85 -2.78 30.91
N PRO A 139 -5.57 -3.73 30.03
CA PRO A 139 -4.42 -4.59 30.17
C PRO A 139 -3.15 -3.80 30.45
N SER A 140 -2.21 -4.47 31.10
CA SER A 140 -0.91 -3.88 31.43
C SER A 140 0.10 -5.01 31.53
N SER A 141 1.35 -4.75 31.19
CA SER A 141 2.38 -5.76 31.33
C SER A 141 3.72 -5.04 31.22
N LYS A 142 4.83 -5.75 31.24
CA LYS A 142 6.13 -5.12 31.11
C LYS A 142 6.58 -4.94 29.67
N ASP A 143 5.77 -5.42 28.71
CA ASP A 143 6.21 -5.35 27.31
C ASP A 143 5.10 -4.89 26.38
N HIS A 144 5.53 -4.28 25.28
CA HIS A 144 4.56 -3.87 24.25
C HIS A 144 3.32 -3.21 24.81
N GLN A 145 3.52 -2.08 25.47
CA GLN A 145 2.41 -1.32 26.02
C GLN A 145 1.90 -0.28 24.99
N SER A 146 2.78 0.13 24.11
CA SER A 146 2.45 1.17 23.12
C SER A 146 2.14 2.48 23.81
N GLY A 147 0.88 2.83 24.00
CA GLY A 147 0.48 3.98 24.76
C GLY A 147 0.46 5.34 24.13
N ARG A 148 0.46 5.44 22.79
CA ARG A 148 0.34 6.77 22.19
C ARG A 148 -1.08 7.25 22.34
N LEU A 149 -1.29 8.49 22.77
CA LEU A 149 -2.63 9.00 23.02
C LEU A 149 -2.79 10.31 22.26
N VAL A 150 -3.76 10.36 21.33
CA VAL A 150 -3.93 11.59 20.56
C VAL A 150 -5.40 11.95 20.50
N ILE A 151 -5.70 13.23 20.28
CA ILE A 151 -7.08 13.66 20.14
C ILE A 151 -7.30 13.96 18.65
N GLY A 152 -8.25 13.30 18.02
CA GLY A 152 -8.45 13.51 16.59
C GLY A 152 -9.26 14.75 16.25
N PRO A 153 -9.39 15.03 14.95
CA PRO A 153 -10.19 16.14 14.46
C PRO A 153 -11.64 15.95 14.82
N ASP A 154 -12.02 14.74 15.17
CA ASP A 154 -13.40 14.43 15.55
C ASP A 154 -13.56 14.63 17.06
N GLN A 155 -12.51 15.12 17.71
CA GLN A 155 -12.53 15.33 19.16
C GLN A 155 -12.72 14.02 19.92
N LYS A 156 -12.19 12.92 19.38
CA LYS A 156 -12.18 11.66 20.10
C LYS A 156 -10.74 11.36 20.49
N ILE A 157 -10.59 10.52 21.51
CA ILE A 157 -9.28 10.06 21.93
C ILE A 157 -8.94 8.80 21.12
N TYR A 158 -7.75 8.79 20.54
CA TYR A 158 -7.27 7.59 19.85
C TYR A 158 -6.09 7.07 20.68
N TYR A 159 -6.15 5.83 21.10
CA TYR A 159 -5.08 5.32 21.96
C TYR A 159 -4.56 3.99 21.47
N THR A 160 -3.24 3.84 21.33
CA THR A 160 -2.67 2.56 20.94
C THR A 160 -2.33 1.73 22.19
N ILE A 161 -2.78 0.49 22.19
CA ILE A 161 -2.49 -0.44 23.27
C ILE A 161 -1.95 -1.73 22.68
N GLY A 162 -0.68 -1.97 22.98
CA GLY A 162 0.10 -3.08 22.50
C GLY A 162 -0.38 -4.47 22.85
N ASP A 163 0.31 -5.45 22.27
CA ASP A 163 -0.09 -6.83 22.45
C ASP A 163 0.45 -7.39 23.77
N GLN A 164 1.03 -6.52 24.61
CA GLN A 164 1.46 -6.95 25.94
C GLN A 164 2.64 -7.89 25.94
N GLY A 165 3.27 -8.08 24.79
CA GLY A 165 4.43 -8.93 24.61
C GLY A 165 4.10 -10.41 24.51
N ARG A 166 2.83 -10.77 24.51
CA ARG A 166 2.46 -12.19 24.43
C ARG A 166 3.05 -12.87 23.20
N ASN A 167 3.41 -14.13 23.38
CA ASN A 167 4.02 -14.98 22.37
C ASN A 167 5.49 -14.68 22.16
N GLN A 168 6.14 -14.07 23.15
CA GLN A 168 7.57 -13.84 23.10
C GLN A 168 8.14 -13.60 24.50
N LEU A 169 9.42 -13.91 24.64
CA LEU A 169 10.17 -13.66 25.88
C LEU A 169 9.42 -14.11 27.12
N ALA A 170 9.27 -13.24 28.11
CA ALA A 170 8.65 -13.63 29.39
C ALA A 170 7.19 -14.02 29.26
N TYR A 171 6.51 -13.60 28.20
CA TYR A 171 5.10 -13.95 28.04
C TYR A 171 4.90 -14.92 26.88
N LEU A 172 5.97 -15.60 26.50
CA LEU A 172 5.99 -16.54 25.39
C LEU A 172 4.80 -17.47 25.28
N PHE A 173 4.36 -18.04 26.39
CA PHE A 173 3.26 -19.00 26.35
C PHE A 173 1.88 -18.41 26.56
N LEU A 174 1.76 -17.09 26.65
CA LEU A 174 0.44 -16.47 26.76
C LEU A 174 -0.12 -16.33 25.34
N PRO A 175 -1.41 -16.54 25.17
CA PRO A 175 -2.05 -16.46 23.87
C PRO A 175 -2.30 -15.02 23.44
N ASN A 176 -1.64 -14.63 22.35
CA ASN A 176 -1.78 -13.26 21.82
C ASN A 176 -3.24 -12.93 21.54
N GLN A 177 -3.71 -11.77 21.98
CA GLN A 177 -5.08 -11.33 21.80
C GLN A 177 -5.26 -10.26 20.72
N ALA A 178 -4.22 -9.98 19.95
CA ALA A 178 -4.33 -8.89 18.98
C ALA A 178 -5.55 -9.09 18.08
N GLN A 179 -5.89 -10.34 17.78
CA GLN A 179 -7.03 -10.61 16.91
C GLN A 179 -8.37 -10.75 17.62
N HIS A 180 -8.37 -10.78 18.96
CA HIS A 180 -9.58 -10.96 19.74
C HIS A 180 -10.32 -9.68 20.04
N THR A 181 -11.64 -9.78 20.09
CA THR A 181 -12.52 -8.65 20.37
C THR A 181 -13.51 -9.10 21.44
N PRO A 182 -14.11 -8.18 22.15
CA PRO A 182 -14.97 -8.51 23.27
C PRO A 182 -16.34 -9.02 22.90
N THR A 183 -16.98 -9.72 23.82
CA THR A 183 -18.39 -10.09 23.61
C THR A 183 -19.23 -9.01 24.27
N GLN A 184 -20.49 -8.86 23.89
CA GLN A 184 -21.31 -7.79 24.48
C GLN A 184 -21.38 -8.01 26.00
N GLN A 185 -21.16 -9.26 26.40
CA GLN A 185 -21.18 -9.62 27.80
C GLN A 185 -19.91 -9.17 28.52
N GLU A 186 -18.78 -9.17 27.81
CA GLU A 186 -17.53 -8.71 28.41
C GLU A 186 -17.56 -7.19 28.57
N LEU A 187 -18.05 -6.49 27.56
CA LEU A 187 -18.19 -5.04 27.62
C LEU A 187 -19.05 -4.63 28.81
N ASN A 188 -20.27 -5.15 28.78
CA ASN A 188 -21.24 -4.86 29.85
C ASN A 188 -20.53 -4.96 31.19
N GLY A 189 -19.64 -5.96 31.30
CA GLY A 189 -18.87 -6.20 32.50
C GLY A 189 -17.58 -5.41 32.59
N LYS A 190 -17.35 -4.47 31.69
CA LYS A 190 -16.14 -3.65 31.72
C LYS A 190 -14.90 -4.51 31.83
N ASP A 191 -14.92 -5.62 31.09
CA ASP A 191 -13.78 -6.53 30.97
C ASP A 191 -13.07 -6.21 29.64
N TYR A 192 -11.88 -5.66 29.74
CA TYR A 192 -11.15 -5.18 28.57
C TYR A 192 -9.91 -6.00 28.27
N HIS A 193 -9.98 -7.28 28.61
CA HIS A 193 -8.85 -8.19 28.38
C HIS A 193 -8.56 -8.34 26.89
N THR A 194 -9.54 -8.10 26.03
CA THR A 194 -9.31 -8.23 24.59
C THR A 194 -8.69 -6.94 24.05
N TYR A 195 -8.54 -5.96 24.93
CA TYR A 195 -7.97 -4.67 24.53
C TYR A 195 -6.45 -4.74 24.51
N MET A 196 -5.94 -5.63 23.67
CA MET A 196 -4.51 -5.83 23.48
C MET A 196 -4.22 -5.81 21.95
N GLY A 197 -3.20 -5.11 21.53
CA GLY A 197 -2.84 -5.03 20.12
C GLY A 197 -3.91 -4.30 19.31
N LYS A 198 -4.41 -3.20 19.84
CA LYS A 198 -5.48 -2.41 19.30
C LYS A 198 -5.16 -0.92 19.24
N VAL A 199 -5.99 -0.25 18.43
CA VAL A 199 -6.08 1.19 18.39
C VAL A 199 -7.49 1.43 18.96
N LEU A 200 -7.57 2.10 20.13
CA LEU A 200 -8.89 2.35 20.69
C LEU A 200 -9.34 3.75 20.28
N ARG A 201 -10.65 3.94 20.23
CA ARG A 201 -11.23 5.23 19.92
C ARG A 201 -12.29 5.51 20.99
N LEU A 202 -12.04 6.52 21.82
CA LEU A 202 -12.94 6.76 22.96
C LEU A 202 -13.58 8.14 22.90
N ASN A 203 -14.73 8.30 23.54
CA ASN A 203 -15.31 9.63 23.73
C ASN A 203 -14.45 10.35 24.77
N LEU A 204 -14.47 11.67 24.82
CA LEU A 204 -13.61 12.40 25.75
C LEU A 204 -13.88 12.03 27.21
N ASP A 205 -15.01 11.42 27.49
CA ASP A 205 -15.35 11.00 28.85
C ASP A 205 -15.06 9.53 29.08
N GLY A 206 -14.46 8.86 28.10
CA GLY A 206 -14.09 7.47 28.22
C GLY A 206 -15.14 6.51 27.67
N SER A 207 -16.31 7.00 27.29
CA SER A 207 -17.35 6.09 26.80
C SER A 207 -17.09 5.61 25.37
N ILE A 208 -17.92 4.66 24.94
CA ILE A 208 -17.79 4.09 23.59
C ILE A 208 -18.49 4.96 22.57
N PRO A 209 -17.78 5.45 21.57
CA PRO A 209 -18.37 6.27 20.53
C PRO A 209 -19.48 5.50 19.82
N LYS A 210 -20.65 6.10 19.68
CA LYS A 210 -21.77 5.41 19.05
C LYS A 210 -21.45 4.99 17.61
N ASP A 211 -20.55 5.69 16.94
CA ASP A 211 -20.15 5.40 15.58
C ASP A 211 -18.84 4.62 15.48
N ASN A 212 -18.46 3.89 16.53
CA ASN A 212 -17.28 3.04 16.40
C ASN A 212 -17.66 1.82 15.55
N PRO A 213 -16.66 1.19 14.96
CA PRO A 213 -16.85 0.00 14.16
C PRO A 213 -17.42 -1.16 14.99
N SER A 214 -18.04 -2.10 14.29
CA SER A 214 -18.57 -3.28 14.94
C SER A 214 -17.68 -4.48 14.68
N PHE A 215 -17.40 -5.26 15.71
CA PHE A 215 -16.55 -6.44 15.56
C PHE A 215 -17.29 -7.66 16.11
N ASN A 216 -17.32 -8.71 15.31
CA ASN A 216 -17.99 -9.95 15.68
C ASN A 216 -19.30 -9.66 16.39
N GLY A 217 -20.00 -8.61 15.96
CA GLY A 217 -21.30 -8.24 16.46
C GLY A 217 -21.39 -7.16 17.52
N VAL A 218 -20.27 -6.65 18.03
CA VAL A 218 -20.32 -5.65 19.09
C VAL A 218 -19.45 -4.44 18.80
N VAL A 219 -19.96 -3.29 19.23
CA VAL A 219 -19.27 -2.02 19.12
C VAL A 219 -18.59 -1.73 20.46
N SER A 220 -17.27 -1.74 20.46
CA SER A 220 -16.49 -1.50 21.68
C SER A 220 -15.56 -0.31 21.47
N HIS A 221 -14.59 -0.12 22.35
CA HIS A 221 -13.66 1.00 22.20
C HIS A 221 -12.69 0.72 21.04
N ILE A 222 -12.64 -0.54 20.62
CA ILE A 222 -11.73 -0.95 19.55
C ILE A 222 -12.07 -0.22 18.26
N TYR A 223 -11.06 0.38 17.65
CA TYR A 223 -11.19 1.06 16.37
C TYR A 223 -10.56 0.18 15.29
N THR A 224 -9.35 -0.30 15.55
CA THR A 224 -8.65 -1.21 14.69
C THR A 224 -7.98 -2.29 15.54
N LEU A 225 -7.71 -3.45 14.96
CA LEU A 225 -7.10 -4.54 15.71
C LEU A 225 -5.93 -5.14 14.94
N GLY A 226 -5.26 -6.14 15.48
CA GLY A 226 -4.17 -6.82 14.80
C GLY A 226 -2.86 -6.05 14.79
N HIS A 227 -2.55 -5.48 15.95
CA HIS A 227 -1.32 -4.70 16.11
C HIS A 227 -0.36 -5.34 17.12
N ARG A 228 0.93 -5.13 16.92
CA ARG A 228 1.96 -5.65 17.82
C ARG A 228 2.33 -4.56 18.84
N ASN A 229 3.21 -3.64 18.49
CA ASN A 229 3.54 -2.54 19.39
C ASN A 229 3.57 -1.20 18.68
N PRO A 230 2.42 -0.61 18.39
CA PRO A 230 2.32 0.65 17.70
C PRO A 230 2.61 1.85 18.60
N GLN A 231 3.85 2.32 18.59
CA GLN A 231 4.25 3.44 19.43
C GLN A 231 4.10 4.78 18.74
N GLY A 232 3.74 4.77 17.43
CA GLY A 232 3.59 6.01 16.69
C GLY A 232 2.17 6.19 16.17
N LEU A 233 1.64 7.41 16.34
CA LEU A 233 0.28 7.72 15.90
C LEU A 233 0.19 9.21 15.66
N ALA A 234 -0.22 9.63 14.46
CA ALA A 234 -0.29 11.05 14.17
C ALA A 234 -1.30 11.37 13.07
N PHE A 235 -2.12 12.38 13.32
CA PHE A 235 -3.09 12.83 12.32
C PHE A 235 -2.43 13.75 11.32
N THR A 236 -2.81 13.61 10.05
CA THR A 236 -2.29 14.50 9.02
C THR A 236 -3.25 15.68 8.89
N PRO A 237 -2.83 16.75 8.24
CA PRO A 237 -3.63 17.94 8.07
C PRO A 237 -4.95 17.71 7.35
N ASN A 238 -5.07 16.62 6.59
CA ASN A 238 -6.36 16.32 5.95
C ASN A 238 -7.12 15.23 6.70
N GLY A 239 -6.80 14.99 7.97
CA GLY A 239 -7.59 14.06 8.77
C GLY A 239 -7.32 12.59 8.70
N LYS A 240 -6.26 12.17 8.02
CA LYS A 240 -5.91 10.76 7.96
C LYS A 240 -5.01 10.43 9.17
N LEU A 241 -5.01 9.17 9.53
CA LEU A 241 -4.26 8.73 10.71
C LEU A 241 -3.08 7.86 10.35
N LEU A 242 -1.88 8.43 10.44
CA LEU A 242 -0.64 7.72 10.20
C LEU A 242 -0.13 7.08 11.48
N GLN A 243 0.55 5.95 11.31
CA GLN A 243 0.97 5.14 12.47
C GLN A 243 2.29 4.45 12.19
N SER A 244 3.09 4.21 13.23
CA SER A 244 4.29 3.40 13.11
C SER A 244 4.16 2.26 14.12
N GLU A 245 4.80 1.13 13.85
CA GLU A 245 4.58 -0.06 14.65
C GLU A 245 5.79 -0.97 14.60
N GLN A 246 6.17 -1.44 15.79
CA GLN A 246 7.29 -2.36 15.93
C GLN A 246 6.90 -3.77 15.50
N GLY A 247 7.67 -4.35 14.59
CA GLY A 247 7.40 -5.76 14.23
C GLY A 247 8.40 -6.62 15.02
N PRO A 248 8.41 -7.92 14.81
CA PRO A 248 9.30 -8.84 15.53
C PRO A 248 10.72 -8.77 15.06
N ASN A 249 11.29 -9.79 14.42
CA ASN A 249 12.65 -9.70 13.91
C ASN A 249 12.66 -8.98 12.56
N SER A 250 11.45 -8.67 12.08
CA SER A 250 11.36 -7.96 10.81
C SER A 250 10.09 -7.15 10.76
N ASP A 251 9.89 -6.51 9.60
CA ASP A 251 8.60 -5.94 9.26
C ASP A 251 8.05 -4.94 10.25
N ASP A 252 8.85 -3.92 10.59
CA ASP A 252 8.31 -2.80 11.35
C ASP A 252 7.41 -2.12 10.30
N GLU A 253 6.36 -1.43 10.69
CA GLU A 253 5.42 -0.91 9.72
C GLU A 253 5.12 0.57 9.81
N ILE A 254 4.85 1.16 8.64
CA ILE A 254 4.20 2.46 8.59
C ILE A 254 2.76 2.14 8.14
N ASN A 255 1.73 2.44 8.91
CA ASN A 255 0.38 2.14 8.51
C ASN A 255 -0.49 3.38 8.39
N LEU A 256 -1.59 3.18 7.66
CA LEU A 256 -2.63 4.20 7.55
C LEU A 256 -3.81 3.58 8.28
N ILE A 257 -4.26 4.20 9.36
CA ILE A 257 -5.30 3.63 10.20
C ILE A 257 -6.69 4.01 9.69
N VAL A 258 -7.42 2.96 9.35
CA VAL A 258 -8.77 3.09 8.82
C VAL A 258 -9.76 2.33 9.68
N LYS A 259 -10.88 2.94 9.96
CA LYS A 259 -11.93 2.41 10.81
C LYS A 259 -12.30 0.97 10.50
N GLY A 260 -12.18 0.11 11.53
CA GLY A 260 -12.54 -1.28 11.39
C GLY A 260 -11.48 -2.14 10.76
N GLY A 261 -10.32 -1.60 10.41
CA GLY A 261 -9.24 -2.38 9.84
C GLY A 261 -8.60 -3.40 10.75
N ASN A 262 -8.12 -4.48 10.12
CA ASN A 262 -7.37 -5.53 10.81
C ASN A 262 -5.93 -5.52 10.30
N TYR A 263 -4.97 -5.24 11.21
CA TYR A 263 -3.59 -5.03 10.77
C TYR A 263 -2.73 -6.27 10.82
N GLY A 264 -3.41 -7.42 10.95
CA GLY A 264 -2.87 -8.73 10.83
C GLY A 264 -2.09 -9.42 11.92
N TRP A 265 -1.56 -8.68 12.88
CA TRP A 265 -0.73 -9.32 13.92
C TRP A 265 -1.62 -10.18 14.79
N PRO A 266 -1.14 -11.32 15.24
CA PRO A 266 0.16 -11.87 14.95
C PRO A 266 0.26 -12.82 13.75
N ASN A 267 -0.85 -13.04 13.06
CA ASN A 267 -0.82 -14.00 11.93
C ASN A 267 -0.04 -13.47 10.75
N VAL A 268 0.06 -12.15 10.64
CA VAL A 268 0.81 -11.55 9.54
C VAL A 268 1.68 -10.38 9.99
N ALA A 269 2.95 -10.43 9.64
CA ALA A 269 3.93 -9.40 9.89
C ALA A 269 4.22 -8.65 8.59
N GLY A 270 3.91 -7.37 8.51
CA GLY A 270 4.13 -6.63 7.26
C GLY A 270 3.12 -7.11 6.20
N TYR A 271 3.62 -7.28 4.98
CA TYR A 271 2.75 -7.78 3.90
C TYR A 271 2.36 -9.23 4.09
N LYS A 272 1.21 -9.62 3.52
CA LYS A 272 0.83 -11.02 3.57
C LYS A 272 1.63 -11.70 2.44
N ASP A 273 2.90 -11.99 2.71
CA ASP A 273 3.79 -12.45 1.66
C ASP A 273 4.53 -13.75 1.96
N ASP A 274 4.32 -14.32 3.15
CA ASP A 274 5.01 -15.53 3.57
C ASP A 274 6.52 -15.43 3.38
N SER A 275 7.07 -14.24 3.60
CA SER A 275 8.50 -14.01 3.44
C SER A 275 9.17 -13.54 4.74
N GLY A 276 10.03 -14.39 5.31
CA GLY A 276 10.82 -14.02 6.47
C GLY A 276 10.15 -14.13 7.83
N TYR A 277 8.88 -14.47 7.88
CA TYR A 277 8.10 -14.61 9.10
C TYR A 277 7.05 -15.70 8.91
N ALA A 278 6.68 -16.34 9.99
CA ALA A 278 5.56 -17.27 10.06
C ALA A 278 5.06 -17.23 11.51
N TYR A 279 3.78 -17.50 11.76
CA TYR A 279 3.24 -17.43 13.10
C TYR A 279 3.37 -18.76 13.85
N ALA A 280 4.30 -18.79 14.79
CA ALA A 280 4.51 -19.93 15.66
C ALA A 280 3.81 -19.62 17.00
N ASN A 281 2.70 -20.28 17.24
CA ASN A 281 1.86 -20.03 18.41
C ASN A 281 2.27 -20.89 19.61
N TYR A 282 3.11 -20.32 20.47
CA TYR A 282 3.60 -21.03 21.64
C TYR A 282 2.51 -21.34 22.64
N SER A 283 1.50 -20.49 22.76
CA SER A 283 0.39 -20.79 23.66
C SER A 283 -0.24 -22.15 23.32
N ALA A 284 -0.09 -22.53 22.05
CA ALA A 284 -0.70 -23.75 21.56
C ALA A 284 0.26 -24.94 21.59
N ALA A 285 1.53 -24.69 21.89
CA ALA A 285 2.47 -25.80 21.96
C ALA A 285 2.10 -26.65 23.19
N ALA A 286 2.52 -27.90 23.20
CA ALA A 286 2.23 -28.76 24.36
C ALA A 286 3.42 -28.72 25.31
N ASN A 287 4.57 -28.37 24.73
CA ASN A 287 5.79 -28.25 25.50
C ASN A 287 6.03 -26.85 26.06
N LYS A 288 5.54 -26.69 27.28
CA LYS A 288 5.81 -25.45 28.04
C LYS A 288 7.32 -25.44 28.29
N SER A 289 7.95 -26.53 27.84
CA SER A 289 9.38 -26.73 27.89
C SER A 289 10.05 -26.11 26.67
N ILE A 290 9.26 -25.95 25.61
CA ILE A 290 9.74 -25.44 24.34
C ILE A 290 10.39 -24.06 24.47
N LYS A 291 11.50 -23.93 23.77
CA LYS A 291 12.31 -22.73 23.68
C LYS A 291 11.99 -21.99 22.38
N ASP A 292 12.14 -20.68 22.41
CA ASP A 292 11.96 -19.86 21.21
C ASP A 292 13.29 -19.71 20.49
N LEU A 293 13.40 -20.30 19.30
CA LEU A 293 14.62 -20.20 18.53
C LEU A 293 14.87 -18.77 18.07
N ALA A 294 13.87 -17.91 18.21
CA ALA A 294 14.02 -16.50 17.85
C ALA A 294 14.43 -16.32 16.40
N GLN A 295 13.87 -17.15 15.52
CA GLN A 295 14.19 -17.08 14.10
C GLN A 295 12.99 -16.60 13.29
N ASN A 296 12.09 -15.91 13.97
CA ASN A 296 10.95 -15.24 13.37
C ASN A 296 9.92 -16.20 12.79
N GLY A 297 9.84 -17.40 13.34
CA GLY A 297 8.87 -18.38 12.89
C GLY A 297 9.36 -19.16 11.68
N VAL A 298 10.47 -18.73 11.08
CA VAL A 298 11.02 -19.45 9.93
C VAL A 298 11.55 -20.82 10.34
N LYS A 299 12.16 -20.89 11.52
CA LYS A 299 12.66 -22.15 12.06
C LYS A 299 12.25 -22.20 13.54
N VAL A 300 11.59 -23.27 13.95
CA VAL A 300 11.12 -23.37 15.33
C VAL A 300 11.35 -24.76 15.89
N ALA A 301 11.41 -24.87 17.22
CA ALA A 301 11.58 -26.16 17.87
C ALA A 301 10.36 -27.03 17.59
N ALA A 302 10.54 -28.34 17.73
CA ALA A 302 9.41 -29.26 17.50
C ALA A 302 8.34 -29.05 18.57
N GLY A 303 7.08 -29.20 18.21
CA GLY A 303 5.99 -29.04 19.16
C GLY A 303 5.09 -27.85 18.98
N VAL A 304 5.59 -26.71 18.52
CA VAL A 304 4.74 -25.52 18.37
C VAL A 304 4.10 -25.43 16.99
N PRO A 305 2.80 -25.21 16.96
CA PRO A 305 2.06 -25.08 15.72
C PRO A 305 2.40 -23.79 14.97
N VAL A 306 2.69 -23.94 13.68
CA VAL A 306 3.08 -22.82 12.84
C VAL A 306 2.03 -22.56 11.76
N THR A 307 1.67 -21.29 11.59
CA THR A 307 0.71 -20.89 10.59
C THR A 307 1.38 -19.91 9.61
N LYS A 308 1.33 -20.21 8.31
CA LYS A 308 1.91 -19.31 7.32
C LYS A 308 1.01 -18.09 7.18
N GLU A 309 1.53 -16.98 6.73
CA GLU A 309 0.71 -15.77 6.56
C GLU A 309 -0.43 -16.05 5.59
N SER A 310 -0.10 -16.80 4.53
CA SER A 310 -1.10 -17.13 3.52
C SER A 310 -2.14 -18.12 4.00
N GLU A 311 -1.91 -18.79 5.12
CA GLU A 311 -2.91 -19.73 5.65
C GLU A 311 -3.91 -19.07 6.56
N TRP A 312 -3.62 -17.87 7.06
CA TRP A 312 -4.53 -17.19 7.98
C TRP A 312 -5.89 -16.92 7.36
N THR A 313 -6.96 -17.13 8.13
CA THR A 313 -8.31 -16.84 7.65
C THR A 313 -8.85 -15.54 8.20
N GLY A 314 -8.16 -14.42 7.96
CA GLY A 314 -8.57 -13.13 8.44
C GLY A 314 -9.53 -12.34 7.59
N LYS A 315 -10.12 -11.32 8.20
CA LYS A 315 -11.11 -10.47 7.56
C LYS A 315 -10.66 -9.01 7.65
N ASN A 316 -10.88 -8.25 6.59
CA ASN A 316 -10.53 -6.84 6.60
C ASN A 316 -9.05 -6.57 6.84
N PHE A 317 -8.18 -7.46 6.40
CA PHE A 317 -6.74 -7.26 6.53
C PHE A 317 -6.27 -6.07 5.69
N VAL A 318 -5.57 -5.14 6.34
CA VAL A 318 -4.98 -3.95 5.77
C VAL A 318 -3.47 -4.02 5.86
N PRO A 319 -2.79 -4.06 4.72
CA PRO A 319 -1.35 -4.10 4.66
C PRO A 319 -0.71 -2.75 4.96
N PRO A 320 0.55 -2.77 5.37
CA PRO A 320 1.30 -1.55 5.65
C PRO A 320 1.59 -0.73 4.40
N LEU A 321 1.81 0.58 4.54
CA LEU A 321 2.26 1.40 3.44
C LEU A 321 3.74 1.11 3.18
N LYS A 322 4.47 0.79 4.26
CA LYS A 322 5.90 0.58 4.15
C LYS A 322 6.40 -0.33 5.28
N THR A 323 7.35 -1.19 4.97
CA THR A 323 7.90 -2.11 5.96
C THR A 323 9.37 -1.79 6.17
N LEU A 324 9.80 -1.89 7.42
CA LEU A 324 11.19 -1.61 7.75
C LEU A 324 11.69 -2.69 8.70
N TYR A 325 12.01 -3.87 8.17
CA TYR A 325 12.07 -4.13 6.75
C TYR A 325 11.56 -5.52 6.38
N THR A 326 11.47 -5.78 5.07
CA THR A 326 11.04 -7.11 4.64
C THR A 326 12.22 -7.89 4.07
N VAL A 327 12.36 -9.16 4.46
CA VAL A 327 13.46 -9.98 3.96
C VAL A 327 12.92 -11.33 3.49
N GLN A 328 13.76 -12.13 2.84
CA GLN A 328 13.36 -13.45 2.36
C GLN A 328 13.69 -14.57 3.35
N ASP A 329 13.10 -15.74 3.12
CA ASP A 329 13.24 -16.88 4.01
C ASP A 329 14.69 -17.34 4.15
N THR A 330 15.55 -16.91 3.25
CA THR A 330 16.96 -17.29 3.32
C THR A 330 17.74 -16.35 4.24
N TYR A 331 17.05 -15.38 4.85
CA TYR A 331 17.70 -14.46 5.76
C TYR A 331 18.17 -15.17 7.03
N ASN A 332 19.33 -14.76 7.52
CA ASN A 332 19.87 -15.34 8.75
C ASN A 332 19.68 -14.37 9.92
N TYR A 333 18.84 -14.72 10.88
CA TYR A 333 18.59 -13.87 12.03
C TYR A 333 19.65 -13.97 13.13
N ASN A 334 20.67 -14.78 12.90
CA ASN A 334 21.77 -14.92 13.85
C ASN A 334 23.05 -14.30 13.31
N ASP A 335 23.14 -12.99 13.34
CA ASP A 335 24.29 -12.25 12.82
C ASP A 335 25.38 -12.01 13.87
N PRO A 336 26.58 -12.48 13.58
CA PRO A 336 27.73 -12.35 14.46
C PRO A 336 28.21 -10.93 14.69
N THR A 337 28.09 -10.06 13.69
CA THR A 337 28.50 -8.66 13.85
C THR A 337 27.98 -8.08 15.16
N CYS A 338 26.83 -8.56 15.59
CA CYS A 338 26.17 -8.06 16.79
C CYS A 338 26.46 -8.94 18.01
N GLY A 339 27.54 -9.70 17.92
CA GLY A 339 27.96 -10.61 18.98
C GLY A 339 26.82 -11.07 19.86
N GLU A 340 26.87 -10.65 21.11
CA GLU A 340 25.89 -11.01 22.12
C GLU A 340 24.50 -10.45 21.85
N MET A 341 24.44 -9.21 21.36
CA MET A 341 23.15 -8.57 21.12
C MET A 341 22.71 -8.79 19.66
N THR A 342 22.53 -10.06 19.32
CA THR A 342 22.16 -10.49 17.97
C THR A 342 20.99 -9.69 17.41
N TYR A 343 19.93 -9.53 18.19
CA TYR A 343 18.75 -8.81 17.77
C TYR A 343 19.05 -7.49 17.07
N ILE A 344 20.00 -6.71 17.56
CA ILE A 344 20.29 -5.41 16.95
C ILE A 344 20.54 -5.56 15.45
N CYS A 345 21.04 -6.71 15.03
CA CYS A 345 21.38 -6.90 13.63
C CYS A 345 20.16 -7.35 12.83
N TRP A 346 19.07 -7.65 13.52
CA TRP A 346 17.82 -8.02 12.85
C TRP A 346 17.38 -6.89 11.91
N PRO A 347 16.73 -7.24 10.81
CA PRO A 347 16.26 -6.31 9.81
C PRO A 347 15.01 -5.52 10.18
N THR A 348 15.14 -4.74 11.25
CA THR A 348 14.15 -3.86 11.80
C THR A 348 14.79 -2.52 12.17
N VAL A 349 13.95 -1.52 12.46
CA VAL A 349 14.52 -0.22 12.83
C VAL A 349 14.02 0.22 14.22
N ALA A 350 13.07 -0.49 14.79
CA ALA A 350 12.46 -0.16 16.08
C ALA A 350 11.98 1.27 16.18
N PRO A 351 10.89 1.60 15.48
CA PRO A 351 10.30 2.92 15.45
C PRO A 351 9.61 3.21 16.77
N SER A 352 9.96 4.33 17.41
CA SER A 352 9.45 4.62 18.74
C SER A 352 8.35 5.65 18.71
N SER A 353 8.14 6.30 17.56
CA SER A 353 7.09 7.28 17.43
C SER A 353 6.71 7.50 15.94
N ALA A 354 5.95 8.54 15.69
CA ALA A 354 5.57 8.94 14.34
C ALA A 354 5.08 10.38 14.38
N TYR A 355 5.71 11.26 13.62
CA TYR A 355 5.41 12.68 13.68
C TYR A 355 5.15 13.29 12.30
N VAL A 356 3.99 13.90 12.14
CA VAL A 356 3.66 14.55 10.86
C VAL A 356 4.27 15.93 10.77
N TYR A 357 5.23 16.09 9.88
CA TYR A 357 5.90 17.38 9.72
C TYR A 357 5.00 18.41 9.06
N LYS A 358 4.71 19.50 9.78
CA LYS A 358 3.75 20.47 9.28
C LYS A 358 4.38 21.70 8.65
N GLY A 359 5.69 21.71 8.49
CA GLY A 359 6.39 22.85 7.91
C GLY A 359 6.10 24.12 8.72
N GLY A 360 5.99 25.23 8.00
CA GLY A 360 5.74 26.55 8.58
C GLY A 360 6.54 27.62 7.86
N LYS A 361 6.83 28.75 8.53
CA LYS A 361 7.58 29.82 7.90
C LYS A 361 9.02 29.49 7.56
N LYS A 362 9.65 28.55 8.25
CA LYS A 362 11.05 28.21 7.95
C LYS A 362 11.18 26.74 7.61
N ALA A 363 10.11 26.20 7.03
CA ALA A 363 10.02 24.80 6.65
C ALA A 363 11.28 24.29 5.95
N ILE A 364 11.71 23.07 6.26
CA ILE A 364 12.89 22.51 5.62
C ILE A 364 12.53 22.11 4.19
N THR A 365 13.25 22.69 3.24
CA THR A 365 13.04 22.47 1.82
C THR A 365 12.91 21.00 1.45
N GLY A 366 11.79 20.67 0.81
CA GLY A 366 11.52 19.30 0.37
C GLY A 366 10.94 18.39 1.44
N TRP A 367 10.56 18.95 2.58
CA TRP A 367 10.04 18.16 3.70
C TRP A 367 8.52 18.24 3.71
N GLU A 368 7.93 18.80 2.64
CA GLU A 368 6.48 18.85 2.52
C GLU A 368 5.91 17.43 2.58
N ASN A 369 4.82 17.25 3.31
CA ASN A 369 4.17 15.96 3.45
C ASN A 369 5.08 14.84 3.91
N THR A 370 5.96 15.13 4.87
CA THR A 370 6.83 14.07 5.37
C THR A 370 6.36 13.58 6.74
N LEU A 371 6.69 12.33 7.03
CA LEU A 371 6.43 11.72 8.32
C LEU A 371 7.80 11.42 8.95
N LEU A 372 8.01 11.88 10.19
CA LEU A 372 9.30 11.63 10.84
C LEU A 372 9.17 10.46 11.78
N VAL A 373 10.06 9.49 11.72
CA VAL A 373 10.02 8.26 12.46
C VAL A 373 11.37 8.02 13.13
N PRO A 374 11.42 8.23 14.44
CA PRO A 374 12.65 7.98 15.18
C PRO A 374 12.90 6.49 15.34
N SER A 375 14.17 6.10 15.26
CA SER A 375 14.63 4.75 15.44
C SER A 375 15.42 4.60 16.75
N LEU A 376 15.05 3.62 17.56
CA LEU A 376 15.77 3.30 18.79
C LEU A 376 17.06 2.56 18.49
N LYS A 377 16.94 1.38 17.87
CA LYS A 377 18.11 0.55 17.62
C LYS A 377 19.07 1.07 16.56
N ARG A 378 18.69 1.97 15.67
CA ARG A 378 19.61 2.38 14.61
C ARG A 378 20.18 3.76 14.87
N GLY A 379 19.66 4.48 15.85
CA GLY A 379 20.17 5.81 16.17
C GLY A 379 19.98 6.80 15.04
N VAL A 380 18.84 6.77 14.37
CA VAL A 380 18.57 7.76 13.33
C VAL A 380 17.14 8.26 13.49
N ILE A 381 16.82 9.28 12.72
CA ILE A 381 15.46 9.73 12.56
C ILE A 381 15.16 9.55 11.05
N PHE A 382 14.15 8.77 10.72
CA PHE A 382 13.84 8.58 9.29
C PHE A 382 12.91 9.67 8.78
N ARG A 383 13.13 10.12 7.55
CA ARG A 383 12.20 11.07 6.91
C ARG A 383 11.47 10.27 5.80
N ILE A 384 10.15 10.18 5.93
CA ILE A 384 9.34 9.41 4.99
C ILE A 384 8.37 10.35 4.28
N LYS A 385 8.56 10.43 2.97
CA LYS A 385 7.75 11.31 2.15
C LYS A 385 6.43 10.69 1.69
N LEU A 386 5.35 11.43 1.73
CA LEU A 386 4.06 10.97 1.22
C LEU A 386 3.59 11.96 0.15
N ASP A 387 2.59 11.56 -0.64
CA ASP A 387 2.05 12.50 -1.64
C ASP A 387 1.20 13.52 -0.88
N PRO A 388 0.79 14.60 -1.51
CA PRO A 388 0.06 15.67 -0.86
C PRO A 388 -1.27 15.29 -0.26
N THR A 389 -1.85 14.15 -0.62
CA THR A 389 -3.10 13.70 -0.02
C THR A 389 -2.85 12.67 1.07
N TYR A 390 -1.59 12.40 1.39
CA TYR A 390 -1.26 11.41 2.42
C TYR A 390 -1.95 10.07 2.12
N SER A 391 -1.87 9.67 0.84
CA SER A 391 -2.47 8.40 0.43
C SER A 391 -1.41 7.31 0.24
N THR A 392 -0.24 7.69 -0.24
CA THR A 392 0.85 6.78 -0.48
C THR A 392 2.19 7.38 -0.05
N THR A 393 3.17 6.51 0.18
CA THR A 393 4.52 7.00 0.44
C THR A 393 5.16 7.18 -0.95
N TYR A 394 6.18 8.00 -1.01
CA TYR A 394 7.05 8.19 -2.13
C TYR A 394 8.46 7.70 -1.75
N ASP A 395 9.07 6.87 -2.58
CA ASP A 395 10.43 6.43 -2.34
C ASP A 395 10.60 5.73 -0.99
N ASP A 396 11.77 5.87 -0.35
CA ASP A 396 12.12 5.08 0.82
C ASP A 396 12.25 5.90 2.11
N ALA A 397 12.58 5.21 3.18
CA ALA A 397 12.78 5.90 4.48
C ALA A 397 14.22 6.41 4.53
N VAL A 398 14.40 7.73 4.55
CA VAL A 398 15.72 8.35 4.54
C VAL A 398 16.20 8.65 5.97
N PRO A 399 17.28 8.03 6.39
CA PRO A 399 17.81 8.17 7.74
C PRO A 399 18.51 9.50 7.94
N MET A 400 18.43 10.05 9.15
CA MET A 400 19.05 11.34 9.45
C MET A 400 19.64 11.33 10.87
N PHE A 401 20.58 12.23 11.13
CA PHE A 401 21.17 12.35 12.47
C PHE A 401 21.73 11.07 13.07
N LYS A 402 22.47 10.28 12.33
CA LYS A 402 23.01 9.03 12.88
C LYS A 402 23.89 9.34 14.10
N SER A 403 23.66 8.64 15.20
CA SER A 403 24.43 8.82 16.42
C SER A 403 24.28 7.58 17.28
N ASN A 404 25.15 7.43 18.29
CA ASN A 404 25.01 6.28 19.19
C ASN A 404 24.04 6.70 20.30
N ASN A 405 22.78 6.83 19.89
CA ASN A 405 21.70 7.22 20.78
C ASN A 405 20.43 6.45 20.40
N ARG A 406 19.52 6.29 21.34
CA ARG A 406 18.25 5.64 21.08
C ARG A 406 17.21 6.76 21.00
N TYR A 407 16.85 7.13 19.76
CA TYR A 407 15.87 8.21 19.57
C TYR A 407 14.47 7.76 19.93
N ARG A 408 13.81 8.49 20.83
CA ARG A 408 12.53 8.06 21.38
C ARG A 408 11.32 8.83 20.90
N ASP A 409 11.50 10.08 20.53
CA ASP A 409 10.39 10.91 20.09
C ASP A 409 10.96 12.11 19.35
N VAL A 410 10.11 12.74 18.52
CA VAL A 410 10.56 13.88 17.75
C VAL A 410 9.39 14.81 17.44
N ILE A 411 9.66 16.11 17.46
CA ILE A 411 8.71 17.14 17.11
C ILE A 411 9.44 18.25 16.35
N ALA A 412 8.68 19.21 15.85
CA ALA A 412 9.29 20.34 15.16
C ALA A 412 8.69 21.63 15.73
N SER A 413 9.45 22.72 15.65
CA SER A 413 8.90 24.01 16.09
C SER A 413 7.84 24.47 15.09
N PRO A 414 6.94 25.31 15.54
CA PRO A 414 5.88 25.85 14.71
C PRO A 414 6.42 26.45 13.42
N ASP A 415 7.64 26.97 13.48
CA ASP A 415 8.28 27.56 12.32
C ASP A 415 8.77 26.48 11.35
N GLY A 416 9.19 25.33 11.86
CA GLY A 416 9.57 24.22 11.02
C GLY A 416 11.04 24.06 10.75
N ASN A 417 11.89 24.94 11.28
CA ASN A 417 13.32 24.84 11.04
C ASN A 417 14.14 24.23 12.17
N VAL A 418 13.52 23.91 13.29
CA VAL A 418 14.20 23.21 14.38
C VAL A 418 13.43 21.94 14.76
N LEU A 419 14.18 20.87 14.97
CA LEU A 419 13.58 19.62 15.41
C LEU A 419 13.96 19.41 16.88
N TYR A 420 13.07 18.83 17.68
CA TYR A 420 13.40 18.46 19.05
C TYR A 420 13.24 16.95 19.19
N VAL A 421 14.24 16.31 19.75
CA VAL A 421 14.22 14.86 19.91
C VAL A 421 14.49 14.45 21.36
N LEU A 422 13.94 13.34 21.80
CA LEU A 422 14.25 12.76 23.09
C LEU A 422 15.14 11.53 22.86
N THR A 423 16.07 11.24 23.76
CA THR A 423 16.87 10.03 23.65
C THR A 423 16.64 9.14 24.87
N ASP A 424 16.87 7.83 24.77
CA ASP A 424 16.67 6.96 25.93
C ASP A 424 17.81 7.18 26.94
N THR A 425 17.53 6.81 28.19
CA THR A 425 18.57 6.94 29.22
C THR A 425 19.60 5.85 29.05
N ALA A 426 19.12 4.63 28.75
CA ALA A 426 20.00 3.49 28.56
C ALA A 426 19.45 2.51 27.54
N GLY A 427 20.34 1.62 27.08
CA GLY A 427 19.92 0.60 26.13
C GLY A 427 20.98 0.42 25.05
N ASN A 428 20.75 -0.56 24.19
CA ASN A 428 21.66 -0.88 23.11
C ASN A 428 21.37 -0.09 21.83
N VAL A 429 22.43 0.29 21.13
CA VAL A 429 22.30 1.00 19.86
C VAL A 429 23.37 0.53 18.88
N GLN A 430 23.00 0.50 17.59
CA GLN A 430 23.94 0.05 16.57
C GLN A 430 24.94 1.13 16.23
N LYS A 431 26.23 0.82 16.38
CA LYS A 431 27.28 1.80 16.08
C LYS A 431 27.45 1.93 14.58
N ASP A 432 28.30 2.86 14.14
CA ASP A 432 28.54 3.10 12.72
C ASP A 432 28.94 1.86 11.93
N ASP A 433 29.60 0.89 12.55
CA ASP A 433 30.09 -0.27 11.81
C ASP A 433 29.39 -1.56 12.15
N GLY A 434 28.13 -1.48 12.57
CA GLY A 434 27.34 -2.65 12.87
C GLY A 434 27.37 -3.19 14.27
N SER A 435 28.49 -3.10 14.98
CA SER A 435 28.56 -3.65 16.34
C SER A 435 27.57 -2.93 17.26
N VAL A 436 27.18 -3.58 18.34
CA VAL A 436 26.25 -2.97 19.29
C VAL A 436 27.00 -2.37 20.47
N THR A 437 26.52 -1.22 20.94
CA THR A 437 27.07 -0.56 22.11
C THR A 437 25.91 -0.16 23.04
N ASN A 438 26.18 -0.19 24.34
CA ASN A 438 25.19 0.28 25.31
C ASN A 438 25.67 1.61 25.87
N THR A 439 26.71 2.13 25.23
CA THR A 439 27.27 3.44 25.60
C THR A 439 26.63 4.52 24.74
N LEU A 440 25.59 5.15 25.28
CA LEU A 440 24.85 6.18 24.53
C LEU A 440 25.51 7.55 24.66
N GLU A 441 25.64 8.27 23.55
CA GLU A 441 26.28 9.56 23.53
C GLU A 441 25.56 10.64 24.33
N ASN A 442 24.23 10.64 24.29
CA ASN A 442 23.44 11.64 25.01
C ASN A 442 22.28 10.93 25.71
N PRO A 443 22.57 10.21 26.77
CA PRO A 443 21.57 9.48 27.52
C PRO A 443 20.48 10.41 28.04
N GLY A 444 19.24 9.98 27.96
CA GLY A 444 18.10 10.72 28.44
C GLY A 444 18.19 12.22 28.29
N SER A 445 18.30 12.70 27.06
CA SER A 445 18.36 14.12 26.78
C SER A 445 17.23 14.60 25.89
N LEU A 446 17.12 15.92 25.85
CA LEU A 446 16.25 16.68 24.97
C LEU A 446 17.22 17.43 24.05
N ILE A 447 17.34 16.92 22.83
CA ILE A 447 18.30 17.48 21.87
C ILE A 447 17.59 18.28 20.80
N LYS A 448 18.23 19.37 20.37
CA LYS A 448 17.61 20.19 19.33
C LYS A 448 18.51 20.26 18.10
N PHE A 449 17.87 20.09 16.95
CA PHE A 449 18.54 20.10 15.66
C PHE A 449 18.03 21.29 14.86
N THR A 450 18.92 22.27 14.61
CA THR A 450 18.53 23.49 13.93
C THR A 450 18.92 23.52 12.46
N ASP B 1 0.90 -10.25 -2.91
CA ASP B 1 0.21 -11.47 -2.41
C ASP B 1 0.93 -12.73 -2.89
N VAL B 2 0.62 -13.82 -2.22
CA VAL B 2 1.22 -15.14 -2.49
C VAL B 2 0.35 -15.85 -3.52
N PRO B 3 0.99 -16.54 -4.46
CA PRO B 3 0.23 -17.20 -5.53
C PRO B 3 -0.78 -18.19 -5.02
N LEU B 4 -1.94 -18.30 -5.67
CA LEU B 4 -2.91 -19.33 -5.33
C LEU B 4 -2.45 -20.65 -5.96
N THR B 5 -2.94 -21.76 -5.41
CA THR B 5 -2.60 -23.06 -5.98
C THR B 5 -3.62 -23.42 -7.06
N PRO B 6 -3.23 -24.29 -7.97
CA PRO B 6 -4.12 -24.73 -9.04
C PRO B 6 -5.44 -25.21 -8.48
N SER B 7 -5.37 -25.79 -7.28
CA SER B 7 -6.55 -26.30 -6.59
C SER B 7 -7.46 -25.19 -6.08
N GLN B 8 -6.88 -24.09 -5.61
CA GLN B 8 -7.68 -22.96 -5.13
C GLN B 8 -8.34 -22.25 -6.30
N PHE B 9 -7.63 -22.22 -7.44
CA PHE B 9 -8.22 -21.63 -8.64
C PHE B 9 -9.37 -22.51 -9.13
N ALA B 10 -9.09 -23.80 -9.24
CA ALA B 10 -10.08 -24.77 -9.69
C ALA B 10 -11.40 -24.71 -8.93
N LYS B 11 -11.38 -24.49 -7.61
CA LYS B 11 -12.63 -24.49 -6.86
C LYS B 11 -13.43 -23.20 -6.99
N ALA B 12 -12.91 -22.19 -7.67
CA ALA B 12 -13.61 -20.92 -7.81
C ALA B 12 -14.60 -20.92 -8.97
N LYS B 13 -15.64 -21.75 -8.88
CA LYS B 13 -16.60 -21.90 -9.97
C LYS B 13 -17.80 -20.98 -9.93
N SER B 14 -18.08 -20.29 -8.84
CA SER B 14 -19.20 -19.35 -8.80
C SER B 14 -20.53 -19.99 -9.16
N GLU B 15 -20.94 -20.93 -8.31
CA GLU B 15 -22.21 -21.64 -8.46
C GLU B 15 -23.39 -20.75 -8.15
N ASN B 16 -23.15 -19.53 -7.68
CA ASN B 16 -24.22 -18.59 -7.34
C ASN B 16 -24.66 -17.73 -8.52
N PHE B 17 -24.08 -17.97 -9.69
CA PHE B 17 -24.44 -17.20 -10.88
C PHE B 17 -24.90 -18.13 -12.00
N ASP B 18 -25.87 -17.68 -12.77
CA ASP B 18 -26.32 -18.41 -13.95
C ASP B 18 -25.54 -17.88 -15.17
N LYS B 19 -24.94 -18.77 -15.93
CA LYS B 19 -24.14 -18.37 -17.09
C LYS B 19 -24.93 -18.49 -18.39
N LYS B 20 -24.92 -17.46 -19.22
CA LYS B 20 -25.56 -17.54 -20.52
C LYS B 20 -24.67 -16.88 -21.57
N VAL B 21 -24.22 -17.69 -22.53
CA VAL B 21 -23.37 -17.20 -23.61
C VAL B 21 -24.22 -16.46 -24.65
N ILE B 22 -24.02 -15.17 -24.77
CA ILE B 22 -24.80 -14.35 -25.69
C ILE B 22 -24.27 -14.44 -27.12
N LEU B 23 -22.96 -14.40 -27.28
CA LEU B 23 -22.32 -14.46 -28.58
C LEU B 23 -21.02 -15.25 -28.52
N SER B 24 -20.60 -15.82 -29.65
CA SER B 24 -19.30 -16.47 -29.69
C SER B 24 -18.66 -16.20 -31.05
N ASN B 25 -17.39 -16.54 -31.15
CA ASN B 25 -16.61 -16.34 -32.34
C ASN B 25 -16.51 -14.89 -32.77
N LEU B 26 -16.57 -13.96 -31.80
CA LEU B 26 -16.28 -12.56 -32.13
C LEU B 26 -14.80 -12.52 -32.51
N ASN B 27 -14.36 -11.53 -33.24
CA ASN B 27 -12.97 -11.46 -33.69
C ASN B 27 -12.14 -10.58 -32.74
N LYS B 28 -11.57 -11.24 -31.73
CA LYS B 28 -10.76 -10.54 -30.73
C LYS B 28 -11.52 -9.40 -30.06
N PRO B 29 -12.62 -9.73 -29.41
CA PRO B 29 -13.43 -8.74 -28.70
C PRO B 29 -12.52 -8.15 -27.63
N HIS B 30 -12.56 -6.83 -27.43
CA HIS B 30 -11.55 -6.27 -26.52
C HIS B 30 -12.13 -5.49 -25.36
N ALA B 31 -12.96 -4.50 -25.64
CA ALA B 31 -13.57 -3.66 -24.62
C ALA B 31 -15.08 -3.69 -24.67
N LEU B 32 -15.75 -3.63 -23.51
CA LEU B 32 -17.20 -3.51 -23.51
C LEU B 32 -17.64 -2.41 -22.54
N LEU B 33 -18.70 -1.72 -22.90
CA LEU B 33 -19.27 -0.64 -22.14
C LEU B 33 -20.80 -0.71 -22.08
N TRP B 34 -21.36 -0.32 -20.93
CA TRP B 34 -22.80 -0.18 -20.81
C TRP B 34 -23.11 1.16 -21.47
N GLY B 35 -23.85 1.12 -22.57
CA GLY B 35 -24.12 2.30 -23.37
C GLY B 35 -25.10 3.29 -22.79
N PRO B 36 -25.06 4.51 -23.32
CA PRO B 36 -25.98 5.57 -22.94
C PRO B 36 -27.40 5.27 -23.39
N ASP B 37 -27.53 4.27 -24.24
CA ASP B 37 -28.82 3.81 -24.73
C ASP B 37 -29.21 2.51 -24.04
N ASN B 38 -28.46 2.19 -22.99
CA ASN B 38 -28.71 1.01 -22.19
C ASN B 38 -28.51 -0.27 -22.99
N GLN B 39 -27.67 -0.18 -24.01
CA GLN B 39 -27.31 -1.35 -24.81
C GLN B 39 -25.84 -1.69 -24.57
N ILE B 40 -25.42 -2.93 -24.78
CA ILE B 40 -24.03 -3.30 -24.59
C ILE B 40 -23.24 -2.93 -25.87
N TRP B 41 -22.21 -2.11 -25.72
CA TRP B 41 -21.35 -1.78 -26.85
C TRP B 41 -19.99 -2.43 -26.62
N LEU B 42 -19.40 -2.99 -27.68
CA LEU B 42 -18.14 -3.69 -27.57
C LEU B 42 -17.33 -3.54 -28.84
N THR B 43 -16.01 -3.67 -28.72
CA THR B 43 -15.09 -3.51 -29.81
C THR B 43 -14.46 -4.83 -30.24
N GLU B 44 -14.06 -4.85 -31.51
CA GLU B 44 -13.27 -5.97 -32.03
C GLU B 44 -11.89 -5.39 -32.35
N ARG B 45 -10.89 -5.72 -31.54
CA ARG B 45 -9.56 -5.17 -31.75
C ARG B 45 -9.06 -5.46 -33.17
N ALA B 46 -9.33 -6.69 -33.63
CA ALA B 46 -8.77 -7.12 -34.91
C ALA B 46 -9.35 -6.39 -36.12
N THR B 47 -10.67 -6.17 -36.11
CA THR B 47 -11.34 -5.64 -37.28
C THR B 47 -11.61 -4.15 -37.22
N GLY B 48 -11.62 -3.55 -36.03
CA GLY B 48 -11.94 -2.13 -35.93
C GLY B 48 -13.44 -1.93 -35.80
N LYS B 49 -14.21 -3.01 -35.66
CA LYS B 49 -15.65 -2.90 -35.54
C LYS B 49 -16.12 -2.51 -34.13
N ILE B 50 -17.15 -1.67 -34.08
CA ILE B 50 -17.85 -1.33 -32.86
C ILE B 50 -19.24 -1.94 -32.93
N LEU B 51 -19.50 -2.93 -32.11
CA LEU B 51 -20.78 -3.63 -32.09
C LEU B 51 -21.69 -3.19 -30.95
N ARG B 52 -22.99 -3.11 -31.25
CA ARG B 52 -23.97 -2.84 -30.21
C ARG B 52 -24.88 -4.06 -30.04
N VAL B 53 -24.91 -4.62 -28.84
CA VAL B 53 -25.66 -5.83 -28.55
C VAL B 53 -26.85 -5.55 -27.64
N ASN B 54 -27.97 -6.18 -27.99
CA ASN B 54 -29.19 -6.10 -27.21
C ASN B 54 -29.08 -7.15 -26.12
N PRO B 55 -29.07 -6.73 -24.86
CA PRO B 55 -28.80 -7.60 -23.74
C PRO B 55 -29.78 -8.75 -23.60
N GLU B 56 -31.02 -8.53 -24.01
CA GLU B 56 -32.07 -9.52 -23.93
C GLU B 56 -32.06 -10.53 -25.08
N SER B 57 -31.93 -10.03 -26.30
CA SER B 57 -31.99 -10.92 -27.47
C SER B 57 -30.61 -11.36 -27.93
N GLY B 58 -29.58 -10.61 -27.55
CA GLY B 58 -28.22 -10.98 -27.97
C GLY B 58 -28.00 -10.44 -29.39
N SER B 59 -29.08 -9.89 -29.93
CA SER B 59 -29.08 -9.27 -31.25
C SER B 59 -27.89 -8.33 -31.39
N VAL B 60 -27.13 -8.49 -32.47
CA VAL B 60 -25.96 -7.67 -32.70
C VAL B 60 -26.09 -6.79 -33.94
N LYS B 61 -25.65 -5.55 -33.80
CA LYS B 61 -25.57 -4.62 -34.90
C LYS B 61 -24.14 -4.08 -34.98
N THR B 62 -23.57 -4.13 -36.18
CA THR B 62 -22.25 -3.53 -36.40
C THR B 62 -22.49 -2.04 -36.62
N VAL B 63 -22.42 -1.24 -35.56
CA VAL B 63 -22.74 0.18 -35.65
C VAL B 63 -21.73 0.92 -36.52
N PHE B 64 -20.48 0.50 -36.46
CA PHE B 64 -19.42 1.18 -37.20
C PHE B 64 -18.14 0.36 -37.22
N GLN B 65 -17.34 0.57 -38.27
CA GLN B 65 -16.04 -0.07 -38.39
C GLN B 65 -14.98 0.99 -38.59
N VAL B 66 -14.07 1.12 -37.62
CA VAL B 66 -13.03 2.14 -37.76
C VAL B 66 -12.13 1.74 -38.92
N PRO B 67 -12.04 2.63 -39.90
CA PRO B 67 -11.31 2.38 -41.12
C PRO B 67 -9.80 2.35 -40.93
N GLU B 68 -9.18 1.45 -41.67
CA GLU B 68 -7.74 1.29 -41.73
C GLU B 68 -7.06 0.93 -40.42
N ILE B 69 -7.80 0.31 -39.51
CA ILE B 69 -7.19 -0.14 -38.26
C ILE B 69 -6.15 -1.19 -38.63
N VAL B 70 -4.93 -1.05 -38.12
CA VAL B 70 -3.89 -2.04 -38.40
C VAL B 70 -3.77 -3.02 -37.23
N ASN B 71 -3.76 -4.31 -37.54
CA ASN B 71 -3.67 -5.37 -36.56
C ASN B 71 -2.78 -6.51 -37.03
N ASP B 72 -1.90 -7.01 -36.17
CA ASP B 72 -1.06 -8.15 -36.50
C ASP B 72 -1.64 -9.39 -35.84
N ALA B 73 -1.67 -10.51 -36.58
CA ALA B 73 -2.26 -11.73 -36.06
C ALA B 73 -1.61 -12.10 -34.73
N ASP B 74 -0.31 -11.84 -34.68
CA ASP B 74 0.50 -12.18 -33.51
C ASP B 74 0.80 -10.94 -32.66
N GLY B 75 -0.07 -9.94 -32.72
CA GLY B 75 0.17 -8.71 -31.99
C GLY B 75 -1.00 -8.27 -31.11
N GLN B 76 -0.70 -7.32 -30.23
CA GLN B 76 -1.69 -6.76 -29.33
C GLN B 76 -2.16 -5.40 -29.84
N ASN B 77 -1.86 -5.11 -31.10
CA ASN B 77 -2.26 -3.88 -31.76
C ASN B 77 -3.64 -3.99 -32.41
N GLY B 78 -4.16 -2.87 -32.90
CA GLY B 78 -5.50 -2.83 -33.50
C GLY B 78 -6.36 -1.73 -32.90
N LEU B 79 -7.66 -1.96 -32.73
CA LEU B 79 -8.56 -0.99 -32.13
C LEU B 79 -8.49 -1.17 -30.60
N LEU B 80 -8.17 -0.11 -29.87
CA LEU B 80 -7.95 -0.29 -28.42
C LEU B 80 -8.86 0.53 -27.53
N GLY B 81 -8.57 1.81 -27.37
CA GLY B 81 -9.36 2.69 -26.52
C GLY B 81 -10.79 2.84 -26.99
N PHE B 82 -11.72 2.98 -26.05
CA PHE B 82 -13.14 3.16 -26.35
C PHE B 82 -13.89 3.72 -25.15
N ALA B 83 -14.47 4.90 -25.27
CA ALA B 83 -15.30 5.48 -24.24
C ALA B 83 -16.33 6.45 -24.85
N PHE B 84 -17.42 6.67 -24.16
CA PHE B 84 -18.41 7.66 -24.52
C PHE B 84 -18.18 8.94 -23.71
N HIS B 85 -18.64 10.08 -24.19
CA HIS B 85 -18.61 11.29 -23.38
C HIS B 85 -19.59 11.09 -22.22
N PRO B 86 -19.19 11.44 -21.00
CA PRO B 86 -19.98 11.28 -19.80
C PRO B 86 -21.40 11.83 -19.87
N ASP B 87 -21.55 12.92 -20.61
CA ASP B 87 -22.85 13.57 -20.77
C ASP B 87 -23.27 13.40 -22.24
N PHE B 88 -23.34 12.13 -22.63
CA PHE B 88 -23.66 11.73 -23.99
C PHE B 88 -24.91 12.41 -24.52
N LYS B 89 -25.96 12.41 -23.71
CA LYS B 89 -27.23 13.03 -24.09
C LYS B 89 -27.01 14.43 -24.65
N ASN B 90 -25.97 15.13 -24.20
CA ASN B 90 -25.71 16.48 -24.66
C ASN B 90 -24.42 16.59 -25.49
N ASN B 91 -23.58 15.57 -25.42
CA ASN B 91 -22.29 15.56 -26.11
C ASN B 91 -22.09 14.15 -26.65
N PRO B 92 -22.75 13.86 -27.77
CA PRO B 92 -22.76 12.55 -28.40
C PRO B 92 -21.45 12.18 -29.05
N TYR B 93 -20.40 12.05 -28.24
CA TYR B 93 -19.09 11.69 -28.76
C TYR B 93 -18.59 10.35 -28.25
N ILE B 94 -17.85 9.70 -29.12
CA ILE B 94 -17.21 8.41 -28.85
C ILE B 94 -15.71 8.60 -29.03
N TYR B 95 -14.93 8.18 -28.04
CA TYR B 95 -13.49 8.35 -28.08
C TYR B 95 -12.83 7.00 -28.28
N ILE B 96 -11.85 6.96 -29.19
CA ILE B 96 -11.16 5.71 -29.43
C ILE B 96 -9.66 5.94 -29.59
N SER B 97 -8.91 4.86 -29.57
CA SER B 97 -7.50 4.86 -29.89
C SER B 97 -7.29 3.63 -30.80
N GLY B 98 -6.37 3.77 -31.74
CA GLY B 98 -6.11 2.65 -32.63
C GLY B 98 -4.73 2.72 -33.26
N THR B 99 -4.32 1.55 -33.74
CA THR B 99 -3.09 1.35 -34.46
C THR B 99 -3.34 1.69 -35.95
N PHE B 100 -2.68 2.73 -36.40
CA PHE B 100 -2.80 3.17 -37.79
C PHE B 100 -1.40 3.36 -38.37
N LYS B 101 -1.33 3.26 -39.69
CA LYS B 101 -0.03 3.42 -40.36
C LYS B 101 0.51 4.82 -40.13
N ASN B 102 1.81 4.92 -39.86
CA ASN B 102 2.40 6.24 -39.61
C ASN B 102 3.09 6.71 -40.90
N PRO B 103 2.50 7.71 -41.54
CA PRO B 103 3.03 8.26 -42.77
C PRO B 103 4.47 8.72 -42.62
N LYS B 104 4.77 9.45 -41.56
CA LYS B 104 6.12 9.96 -41.33
C LYS B 104 7.11 8.88 -40.92
N PRO B 111 6.38 0.74 -38.04
CA PRO B 111 5.68 1.39 -39.12
C PRO B 111 4.35 2.03 -38.73
N ASN B 112 3.85 1.70 -37.56
CA ASN B 112 2.54 2.20 -37.14
C ASN B 112 2.66 3.29 -36.09
N GLN B 113 1.56 3.97 -35.85
CA GLN B 113 1.43 4.97 -34.81
C GLN B 113 0.11 4.67 -34.08
N THR B 114 -0.04 5.23 -32.90
CA THR B 114 -1.30 5.08 -32.19
C THR B 114 -1.94 6.46 -32.27
N ILE B 115 -3.24 6.50 -32.50
CA ILE B 115 -3.93 7.77 -32.58
C ILE B 115 -5.15 7.71 -31.68
N ILE B 116 -5.39 8.81 -30.98
CA ILE B 116 -6.57 8.95 -30.14
C ILE B 116 -7.54 9.79 -30.96
N ARG B 117 -8.77 9.32 -31.16
CA ARG B 117 -9.67 10.03 -32.06
C ARG B 117 -11.10 10.12 -31.55
N ARG B 118 -11.76 11.24 -31.83
CA ARG B 118 -13.15 11.41 -31.45
C ARG B 118 -14.07 11.17 -32.65
N TYR B 119 -15.22 10.57 -32.38
CA TYR B 119 -16.27 10.36 -33.36
C TYR B 119 -17.55 11.00 -32.82
N THR B 120 -18.37 11.48 -33.73
CA THR B 120 -19.69 11.98 -33.37
C THR B 120 -20.73 10.91 -33.67
N TYR B 121 -21.58 10.60 -32.70
CA TYR B 121 -22.61 9.59 -32.93
C TYR B 121 -23.86 10.29 -33.50
N ASN B 122 -24.40 9.74 -34.57
CA ASN B 122 -25.59 10.29 -35.21
C ASN B 122 -26.77 9.36 -34.91
N LYS B 123 -27.68 9.82 -34.07
CA LYS B 123 -28.85 9.06 -33.66
C LYS B 123 -29.75 8.73 -34.84
N SER B 124 -29.86 9.68 -35.76
CA SER B 124 -30.79 9.52 -36.89
C SER B 124 -30.28 8.52 -37.91
N THR B 125 -28.98 8.46 -38.14
CA THR B 125 -28.44 7.46 -39.05
C THR B 125 -27.87 6.26 -38.31
N ASP B 126 -27.82 6.31 -36.99
CA ASP B 126 -27.24 5.25 -36.18
C ASP B 126 -25.84 4.88 -36.64
N THR B 127 -24.93 5.86 -36.69
CA THR B 127 -23.56 5.55 -37.06
C THR B 127 -22.59 6.61 -36.54
N LEU B 128 -21.29 6.32 -36.67
CA LEU B 128 -20.27 7.25 -36.16
C LEU B 128 -19.80 8.13 -37.31
N GLU B 129 -19.58 9.41 -37.05
CA GLU B 129 -19.15 10.35 -38.08
C GLU B 129 -18.25 11.45 -37.55
N LYS B 130 -17.81 12.34 -38.44
CA LYS B 130 -17.01 13.49 -38.12
C LYS B 130 -15.83 13.21 -37.20
N PRO B 131 -14.93 12.33 -37.63
CA PRO B 131 -13.74 11.96 -36.89
C PRO B 131 -12.76 13.10 -36.70
N VAL B 132 -12.25 13.25 -35.50
CA VAL B 132 -11.24 14.26 -35.21
C VAL B 132 -10.10 13.57 -34.44
N ASP B 133 -8.91 13.64 -35.00
CA ASP B 133 -7.73 13.08 -34.35
C ASP B 133 -7.32 14.00 -33.21
N LEU B 134 -7.37 13.52 -31.98
CA LEU B 134 -7.06 14.36 -30.82
C LEU B 134 -5.55 14.37 -30.59
N LEU B 135 -4.95 13.19 -30.71
CA LEU B 135 -3.51 13.02 -30.49
C LEU B 135 -2.98 11.90 -31.35
N ALA B 136 -2.09 12.27 -32.27
CA ALA B 136 -1.49 11.30 -33.19
C ALA B 136 0.03 11.24 -33.03
N GLY B 137 0.64 10.27 -33.68
CA GLY B 137 2.09 10.13 -33.61
C GLY B 137 2.53 9.35 -32.36
N LEU B 138 1.57 8.77 -31.64
CA LEU B 138 1.91 7.98 -30.45
C LEU B 138 2.64 6.72 -30.84
N PRO B 139 3.54 6.25 -30.00
CA PRO B 139 4.24 5.00 -30.22
C PRO B 139 3.29 3.86 -30.54
N SER B 140 3.80 2.87 -31.28
CA SER B 140 3.03 1.69 -31.65
C SER B 140 3.92 0.46 -31.80
N SER B 141 3.47 -0.69 -31.35
CA SER B 141 4.19 -1.94 -31.54
C SER B 141 3.19 -3.09 -31.43
N LYS B 142 3.68 -4.32 -31.49
CA LYS B 142 2.85 -5.51 -31.41
C LYS B 142 2.67 -6.01 -29.98
N ASP B 143 3.35 -5.36 -29.04
CA ASP B 143 3.30 -5.83 -27.65
C ASP B 143 3.06 -4.68 -26.68
N HIS B 144 2.39 -4.97 -25.57
CA HIS B 144 2.17 -3.99 -24.52
C HIS B 144 1.76 -2.63 -25.03
N GLN B 145 0.59 -2.60 -25.65
CA GLN B 145 0.00 -1.36 -26.12
C GLN B 145 -0.87 -0.74 -25.02
N SER B 146 -1.43 -1.57 -24.16
CA SER B 146 -2.38 -1.09 -23.15
C SER B 146 -3.62 -0.54 -23.83
N GLY B 147 -3.77 0.76 -23.92
CA GLY B 147 -4.84 1.42 -24.61
C GLY B 147 -6.17 1.61 -23.91
N ARG B 148 -6.20 1.58 -22.58
CA ARG B 148 -7.48 1.86 -21.90
C ARG B 148 -7.71 3.35 -21.92
N LEU B 149 -8.92 3.76 -22.26
CA LEU B 149 -9.22 5.19 -22.43
C LEU B 149 -10.48 5.53 -21.64
N VAL B 150 -10.34 6.46 -20.69
CA VAL B 150 -11.50 6.82 -19.87
C VAL B 150 -11.60 8.34 -19.74
N ILE B 151 -12.78 8.82 -19.41
CA ILE B 151 -12.95 10.26 -19.19
C ILE B 151 -13.21 10.46 -17.69
N GLY B 152 -12.38 11.27 -17.06
CA GLY B 152 -12.46 11.47 -15.62
C GLY B 152 -13.53 12.48 -15.19
N PRO B 153 -13.79 12.52 -13.89
CA PRO B 153 -14.78 13.44 -13.33
C PRO B 153 -14.40 14.87 -13.63
N ASP B 154 -13.12 15.08 -13.96
CA ASP B 154 -12.60 16.38 -14.35
C ASP B 154 -12.75 16.62 -15.85
N GLN B 155 -13.49 15.74 -16.53
CA GLN B 155 -13.72 15.91 -17.96
C GLN B 155 -12.43 15.89 -18.77
N LYS B 156 -11.44 15.11 -18.34
CA LYS B 156 -10.21 14.93 -19.10
C LYS B 156 -10.13 13.49 -19.62
N ILE B 157 -9.33 13.30 -20.66
CA ILE B 157 -9.11 11.95 -21.16
C ILE B 157 -7.93 11.34 -20.41
N TYR B 158 -8.12 10.17 -19.83
CA TYR B 158 -7.01 9.43 -19.23
C TYR B 158 -6.75 8.22 -20.16
N TYR B 159 -5.51 8.03 -20.52
CA TYR B 159 -5.15 6.97 -21.45
C TYR B 159 -3.88 6.22 -21.06
N THR B 160 -3.98 4.89 -21.03
CA THR B 160 -2.80 4.09 -20.73
C THR B 160 -2.08 3.72 -22.04
N ILE B 161 -0.77 3.95 -22.07
CA ILE B 161 0.05 3.55 -23.21
C ILE B 161 1.23 2.75 -22.68
N GLY B 162 1.27 1.48 -23.07
CA GLY B 162 2.25 0.53 -22.61
C GLY B 162 3.68 0.79 -23.05
N ASP B 163 4.57 -0.02 -22.50
CA ASP B 163 5.99 0.12 -22.71
C ASP B 163 6.43 -0.45 -24.07
N GLN B 164 5.45 -0.86 -24.86
CA GLN B 164 5.68 -1.33 -26.23
C GLN B 164 6.37 -2.67 -26.31
N GLY B 165 6.57 -3.32 -25.17
CA GLY B 165 7.20 -4.63 -25.12
C GLY B 165 8.71 -4.60 -25.08
N ARG B 166 9.32 -3.43 -25.01
CA ARG B 166 10.77 -3.31 -24.95
C ARG B 166 11.37 -4.06 -23.76
N ASN B 167 12.55 -4.60 -23.97
CA ASN B 167 13.32 -5.34 -22.99
C ASN B 167 12.82 -6.77 -22.79
N GLN B 168 12.08 -7.26 -23.80
CA GLN B 168 11.66 -8.65 -23.80
C GLN B 168 11.30 -9.12 -25.23
N LEU B 169 11.29 -10.43 -25.36
CA LEU B 169 10.82 -11.11 -26.57
C LEU B 169 11.38 -10.48 -27.84
N ALA B 170 10.53 -10.02 -28.76
CA ALA B 170 10.99 -9.52 -30.04
C ALA B 170 11.61 -8.13 -29.97
N TYR B 171 11.36 -7.41 -28.88
CA TYR B 171 11.93 -6.08 -28.74
C TYR B 171 12.97 -6.08 -27.60
N LEU B 172 13.52 -7.26 -27.36
CA LEU B 172 14.47 -7.47 -26.28
C LEU B 172 15.53 -6.39 -26.13
N PHE B 173 16.15 -5.99 -27.24
CA PHE B 173 17.27 -5.05 -27.15
C PHE B 173 16.94 -3.59 -27.35
N LEU B 174 15.67 -3.21 -27.40
CA LEU B 174 15.30 -1.80 -27.47
C LEU B 174 15.24 -1.30 -26.00
N PRO B 175 15.67 -0.09 -25.76
CA PRO B 175 15.71 0.49 -24.43
C PRO B 175 14.35 0.90 -23.93
N ASN B 176 13.92 0.32 -22.81
CA ASN B 176 12.61 0.67 -22.25
C ASN B 176 12.53 2.15 -21.95
N GLN B 177 11.44 2.83 -22.30
CA GLN B 177 11.28 4.24 -22.03
C GLN B 177 10.28 4.56 -20.93
N ALA B 178 9.85 3.56 -20.17
CA ALA B 178 8.80 3.80 -19.17
C ALA B 178 9.24 4.91 -18.21
N GLN B 179 10.53 5.03 -17.97
CA GLN B 179 11.06 6.06 -17.07
C GLN B 179 11.38 7.37 -17.76
N HIS B 180 11.35 7.39 -19.10
CA HIS B 180 11.75 8.58 -19.84
C HIS B 180 10.60 9.55 -20.07
N THR B 181 10.93 10.84 -20.09
CA THR B 181 9.93 11.87 -20.31
C THR B 181 10.50 12.84 -21.34
N PRO B 182 9.65 13.59 -21.99
CA PRO B 182 10.06 14.47 -23.07
C PRO B 182 10.83 15.72 -22.69
N THR B 183 11.74 16.15 -23.56
CA THR B 183 12.36 17.46 -23.43
C THR B 183 11.39 18.45 -24.11
N GLN B 184 11.47 19.73 -23.80
CA GLN B 184 10.53 20.68 -24.42
C GLN B 184 10.67 20.67 -25.94
N GLN B 185 11.87 20.34 -26.43
CA GLN B 185 12.09 20.28 -27.87
C GLN B 185 11.28 19.16 -28.52
N GLU B 186 11.42 17.95 -27.98
CA GLU B 186 10.66 16.83 -28.52
C GLU B 186 9.18 17.22 -28.49
N LEU B 187 8.82 17.81 -27.36
CA LEU B 187 7.42 18.17 -27.13
C LEU B 187 6.97 19.17 -28.17
N ASN B 188 7.82 20.14 -28.48
CA ASN B 188 7.47 21.16 -29.45
C ASN B 188 7.41 20.59 -30.87
N GLY B 189 8.17 19.52 -31.11
CA GLY B 189 8.14 18.87 -32.42
C GLY B 189 7.11 17.76 -32.45
N LYS B 190 6.30 17.64 -31.41
CA LYS B 190 5.29 16.58 -31.33
C LYS B 190 5.95 15.22 -31.51
N ASP B 191 7.09 15.08 -30.86
CA ASP B 191 7.84 13.83 -30.83
C ASP B 191 7.52 13.10 -29.51
N TYR B 192 6.61 12.14 -29.60
CA TYR B 192 6.10 11.44 -28.44
C TYR B 192 6.72 10.08 -28.21
N HIS B 193 7.97 9.93 -28.61
CA HIS B 193 8.63 8.63 -28.40
C HIS B 193 8.76 8.31 -26.92
N THR B 194 8.75 9.28 -26.02
CA THR B 194 8.83 8.93 -24.59
C THR B 194 7.47 8.53 -24.04
N TYR B 195 6.41 8.64 -24.85
CA TYR B 195 5.09 8.28 -24.38
C TYR B 195 4.88 6.77 -24.45
N MET B 196 5.69 6.05 -23.69
CA MET B 196 5.65 4.62 -23.53
C MET B 196 5.65 4.30 -22.01
N GLY B 197 4.79 3.40 -21.57
CA GLY B 197 4.77 3.02 -20.16
C GLY B 197 4.26 4.19 -19.32
N LYS B 198 3.17 4.81 -19.78
CA LYS B 198 2.61 5.97 -19.13
C LYS B 198 1.09 5.95 -19.01
N VAL B 199 0.59 6.83 -18.16
CA VAL B 199 -0.83 7.15 -18.08
C VAL B 199 -0.82 8.62 -18.55
N LEU B 200 -1.53 8.87 -19.65
CA LEU B 200 -1.59 10.23 -20.19
C LEU B 200 -2.88 10.87 -19.71
N ARG B 201 -2.85 12.20 -19.60
CA ARG B 201 -4.02 12.97 -19.24
C ARG B 201 -4.11 14.08 -20.28
N LEU B 202 -5.22 14.16 -21.00
CA LEU B 202 -5.29 15.18 -22.06
C LEU B 202 -6.64 15.88 -22.06
N ASN B 203 -6.63 17.10 -22.57
CA ASN B 203 -7.89 17.85 -22.74
C ASN B 203 -8.77 17.16 -23.78
N LEU B 204 -10.08 17.36 -23.72
CA LEU B 204 -11.00 16.63 -24.59
C LEU B 204 -10.69 16.89 -26.06
N ASP B 205 -9.89 17.92 -26.30
CA ASP B 205 -9.47 18.27 -27.65
C ASP B 205 -8.09 17.75 -28.00
N GLY B 206 -7.43 17.04 -27.08
CA GLY B 206 -6.12 16.50 -27.32
C GLY B 206 -4.98 17.36 -26.79
N SER B 207 -5.24 18.57 -26.33
CA SER B 207 -4.17 19.43 -25.83
C SER B 207 -3.68 19.02 -24.43
N ILE B 208 -2.55 19.60 -24.04
CA ILE B 208 -1.95 19.34 -22.73
C ILE B 208 -2.62 20.18 -21.64
N PRO B 209 -3.22 19.53 -20.67
CA PRO B 209 -3.79 20.21 -19.52
C PRO B 209 -2.71 21.05 -18.87
N LYS B 210 -3.00 22.34 -18.66
CA LYS B 210 -2.02 23.24 -18.05
C LYS B 210 -1.63 22.73 -16.66
N ASP B 211 -2.56 22.03 -16.01
CA ASP B 211 -2.33 21.51 -14.68
C ASP B 211 -1.74 20.10 -14.66
N ASN B 212 -1.23 19.59 -15.79
CA ASN B 212 -0.58 18.29 -15.75
C ASN B 212 0.70 18.39 -14.92
N PRO B 213 1.13 17.27 -14.38
CA PRO B 213 2.32 17.22 -13.55
C PRO B 213 3.53 17.67 -14.35
N SER B 214 4.57 18.12 -13.68
CA SER B 214 5.80 18.53 -14.35
C SER B 214 6.88 17.47 -14.13
N PHE B 215 7.48 17.03 -15.23
CA PHE B 215 8.48 15.96 -15.15
C PHE B 215 9.77 16.51 -15.76
N ASN B 216 10.82 16.51 -14.95
CA ASN B 216 12.12 17.02 -15.34
C ASN B 216 12.04 18.41 -15.94
N GLY B 217 11.09 19.22 -15.47
CA GLY B 217 10.94 20.58 -15.91
C GLY B 217 9.97 20.81 -17.05
N VAL B 218 9.25 19.77 -17.51
CA VAL B 218 8.33 19.92 -18.62
C VAL B 218 6.95 19.33 -18.33
N VAL B 219 5.91 20.05 -18.74
CA VAL B 219 4.53 19.61 -18.61
C VAL B 219 4.10 19.02 -19.97
N SER B 220 3.82 17.73 -20.00
CA SER B 220 3.41 17.07 -21.24
C SER B 220 2.07 16.38 -21.03
N HIS B 221 1.72 15.42 -21.88
CA HIS B 221 0.49 14.67 -21.69
C HIS B 221 0.65 13.62 -20.58
N ILE B 222 1.89 13.41 -20.16
CA ILE B 222 2.12 12.37 -19.14
C ILE B 222 1.52 12.77 -17.80
N TYR B 223 0.78 11.86 -17.18
CA TYR B 223 0.22 12.08 -15.85
C TYR B 223 1.05 11.26 -14.85
N THR B 224 1.30 9.99 -15.21
CA THR B 224 2.14 9.13 -14.40
C THR B 224 3.09 8.36 -15.34
N LEU B 225 4.17 7.82 -14.77
CA LEU B 225 5.13 7.07 -15.59
C LEU B 225 5.62 5.84 -14.86
N GLY B 226 6.45 5.03 -15.52
CA GLY B 226 6.97 3.82 -14.91
C GLY B 226 5.97 2.68 -14.90
N HIS B 227 5.30 2.49 -16.05
CA HIS B 227 4.34 1.40 -16.22
C HIS B 227 4.76 0.40 -17.29
N ARG B 228 4.37 -0.85 -17.14
CA ARG B 228 4.72 -1.91 -18.09
C ARG B 228 3.56 -2.09 -19.08
N ASN B 229 2.52 -2.83 -18.70
CA ASN B 229 1.34 -2.93 -19.57
C ASN B 229 0.06 -2.78 -18.77
N PRO B 230 -0.36 -1.56 -18.50
CA PRO B 230 -1.58 -1.31 -17.74
C PRO B 230 -2.85 -1.38 -18.57
N GLN B 231 -3.53 -2.51 -18.54
CA GLN B 231 -4.77 -2.68 -19.32
C GLN B 231 -6.01 -2.34 -18.54
N GLY B 232 -5.88 -2.04 -17.24
CA GLY B 232 -7.11 -1.69 -16.50
C GLY B 232 -6.99 -0.27 -15.93
N LEU B 233 -8.07 0.48 -16.04
CA LEU B 233 -8.14 1.86 -15.55
C LEU B 233 -9.58 2.20 -15.27
N ALA B 234 -9.88 2.61 -14.02
CA ALA B 234 -11.27 2.90 -13.68
C ALA B 234 -11.35 3.90 -12.52
N PHE B 235 -12.20 4.90 -12.67
CA PHE B 235 -12.40 5.86 -11.58
C PHE B 235 -13.37 5.28 -10.55
N THR B 236 -13.20 5.68 -9.29
CA THR B 236 -14.10 5.23 -8.23
C THR B 236 -15.14 6.31 -8.04
N PRO B 237 -16.23 6.05 -7.35
CA PRO B 237 -17.26 7.04 -7.11
C PRO B 237 -16.73 8.28 -6.43
N ASN B 238 -15.66 8.13 -5.63
CA ASN B 238 -15.14 9.31 -4.94
C ASN B 238 -13.97 9.92 -5.69
N GLY B 239 -13.84 9.66 -6.99
CA GLY B 239 -12.84 10.37 -7.79
C GLY B 239 -11.43 9.85 -7.76
N LYS B 240 -11.17 8.71 -7.16
CA LYS B 240 -9.82 8.13 -7.18
C LYS B 240 -9.66 7.29 -8.45
N LEU B 241 -8.42 7.03 -8.82
CA LEU B 241 -8.16 6.28 -10.04
C LEU B 241 -7.49 4.94 -9.80
N LEU B 242 -8.26 3.85 -9.92
CA LEU B 242 -7.75 2.50 -9.79
C LEU B 242 -7.27 1.97 -11.15
N GLN B 243 -6.32 1.05 -11.07
CA GLN B 243 -5.61 0.54 -12.23
C GLN B 243 -5.11 -0.86 -12.00
N SER B 244 -5.04 -1.67 -13.07
CA SER B 244 -4.41 -2.97 -13.03
C SER B 244 -3.35 -2.96 -14.15
N GLU B 245 -2.27 -3.67 -13.88
CA GLU B 245 -1.12 -3.67 -14.77
C GLU B 245 -0.45 -5.03 -14.82
N GLN B 246 -0.11 -5.46 -16.06
CA GLN B 246 0.63 -6.71 -16.23
C GLN B 246 2.10 -6.53 -15.84
N GLY B 247 2.59 -7.41 -14.99
CA GLY B 247 4.02 -7.45 -14.64
C GLY B 247 4.68 -8.56 -15.48
N PRO B 248 5.99 -8.73 -15.36
CA PRO B 248 6.74 -9.69 -16.15
C PRO B 248 6.45 -11.12 -15.77
N ASN B 249 7.42 -11.83 -15.18
CA ASN B 249 7.17 -13.18 -14.71
C ASN B 249 6.49 -13.17 -13.34
N SER B 250 6.39 -11.96 -12.76
CA SER B 250 5.80 -11.83 -11.44
C SER B 250 5.16 -10.46 -11.30
N ASP B 251 4.53 -10.22 -10.16
CA ASP B 251 4.17 -8.86 -9.78
C ASP B 251 3.25 -8.13 -10.73
N ASP B 252 2.17 -8.78 -11.18
CA ASP B 252 1.12 -8.00 -11.83
C ASP B 252 0.68 -7.01 -10.73
N GLU B 253 0.11 -5.85 -11.03
CA GLU B 253 -0.25 -4.94 -9.96
C GLU B 253 -1.68 -4.42 -9.98
N ILE B 254 -2.15 -4.06 -8.78
CA ILE B 254 -3.28 -3.18 -8.59
C ILE B 254 -2.71 -1.85 -8.05
N ASN B 255 -2.92 -0.76 -8.80
CA ASN B 255 -2.38 0.51 -8.36
C ASN B 255 -3.45 1.58 -8.17
N LEU B 256 -3.07 2.57 -7.36
CA LEU B 256 -3.87 3.78 -7.21
C LEU B 256 -3.04 4.83 -7.94
N ILE B 257 -3.63 5.45 -8.96
CA ILE B 257 -2.93 6.40 -9.80
C ILE B 257 -3.04 7.82 -9.23
N VAL B 258 -1.88 8.37 -8.89
CA VAL B 258 -1.84 9.71 -8.33
C VAL B 258 -0.93 10.59 -9.18
N LYS B 259 -1.42 11.81 -9.41
CA LYS B 259 -0.77 12.77 -10.26
C LYS B 259 0.74 12.89 -10.01
N GLY B 260 1.53 12.71 -11.07
CA GLY B 260 2.97 12.81 -11.02
C GLY B 260 3.69 11.61 -10.45
N GLY B 261 2.96 10.56 -10.06
CA GLY B 261 3.59 9.36 -9.53
C GLY B 261 4.45 8.62 -10.54
N ASN B 262 5.45 7.91 -10.01
CA ASN B 262 6.35 7.05 -10.77
C ASN B 262 6.13 5.62 -10.28
N TYR B 263 5.64 4.74 -11.16
CA TYR B 263 5.24 3.39 -10.76
C TYR B 263 6.34 2.37 -10.90
N GLY B 264 7.58 2.85 -11.08
CA GLY B 264 8.77 2.07 -11.05
C GLY B 264 9.30 1.24 -12.20
N TRP B 265 8.43 0.79 -13.11
CA TRP B 265 8.92 -0.08 -14.21
C TRP B 265 9.86 0.66 -15.12
N PRO B 266 10.91 0.01 -15.64
CA PRO B 266 11.26 -1.36 -15.38
C PRO B 266 12.22 -1.61 -14.23
N ASN B 267 12.68 -0.53 -13.60
CA ASN B 267 13.63 -0.71 -12.49
C ASN B 267 13.04 -1.49 -11.32
N VAL B 268 11.73 -1.39 -11.13
CA VAL B 268 11.03 -2.09 -10.07
C VAL B 268 9.73 -2.73 -10.52
N ALA B 269 9.54 -3.98 -10.18
CA ALA B 269 8.32 -4.73 -10.44
C ALA B 269 7.60 -4.95 -9.11
N GLY B 270 6.42 -4.39 -8.92
CA GLY B 270 5.71 -4.60 -7.66
C GLY B 270 6.39 -3.73 -6.59
N TYR B 271 6.56 -4.34 -5.42
CA TYR B 271 7.22 -3.58 -4.33
C TYR B 271 8.71 -3.45 -4.60
N LYS B 272 9.32 -2.42 -3.99
CA LYS B 272 10.78 -2.28 -4.08
C LYS B 272 11.34 -3.22 -3.01
N ASP B 273 11.36 -4.53 -3.30
CA ASP B 273 11.74 -5.53 -2.32
C ASP B 273 12.88 -6.44 -2.74
N ASP B 274 13.47 -6.23 -3.92
CA ASP B 274 14.53 -7.09 -4.41
C ASP B 274 14.14 -8.57 -4.29
N SER B 275 12.87 -8.89 -4.46
CA SER B 275 12.40 -10.26 -4.31
C SER B 275 11.79 -10.81 -5.61
N GLY B 276 12.43 -11.81 -6.18
CA GLY B 276 11.92 -12.48 -7.37
C GLY B 276 12.08 -11.74 -8.69
N TYR B 277 12.69 -10.56 -8.69
CA TYR B 277 12.90 -9.77 -9.90
C TYR B 277 14.13 -8.88 -9.76
N ALA B 278 14.80 -8.64 -10.88
CA ALA B 278 15.89 -7.68 -10.95
C ALA B 278 15.85 -7.09 -12.37
N TYR B 279 16.35 -5.89 -12.54
CA TYR B 279 16.26 -5.23 -13.84
C TYR B 279 17.49 -5.48 -14.71
N ALA B 280 17.31 -6.38 -15.66
CA ALA B 280 18.35 -6.69 -16.64
C ALA B 280 18.10 -5.90 -17.93
N ASN B 281 18.97 -4.93 -18.21
CA ASN B 281 18.80 -4.01 -19.32
C ASN B 281 19.51 -4.51 -20.58
N TYR B 282 18.77 -5.29 -21.35
CA TYR B 282 19.36 -5.90 -22.56
C TYR B 282 19.80 -4.86 -23.56
N SER B 283 19.17 -3.69 -23.58
CA SER B 283 19.61 -2.65 -24.50
C SER B 283 21.02 -2.19 -24.18
N ALA B 284 21.50 -2.50 -22.98
CA ALA B 284 22.85 -2.12 -22.58
C ALA B 284 23.79 -3.32 -22.61
N ALA B 285 23.28 -4.48 -23.02
CA ALA B 285 24.09 -5.69 -23.04
C ALA B 285 25.26 -5.56 -24.01
N ALA B 286 26.33 -6.28 -23.71
CA ALA B 286 27.55 -6.23 -24.52
C ALA B 286 27.28 -6.57 -25.98
N ASN B 287 26.33 -7.45 -26.26
CA ASN B 287 25.99 -7.79 -27.64
C ASN B 287 24.57 -8.35 -27.76
N LYS B 288 23.99 -8.16 -28.93
CA LYS B 288 22.64 -8.57 -29.24
C LYS B 288 22.50 -10.06 -29.53
N SER B 289 23.51 -10.85 -29.14
CA SER B 289 23.47 -12.28 -29.36
C SER B 289 23.17 -13.06 -28.08
N ILE B 290 23.17 -12.39 -26.92
CA ILE B 290 22.93 -13.09 -25.67
C ILE B 290 21.45 -13.48 -25.59
N LYS B 291 21.16 -14.57 -24.90
CA LYS B 291 19.77 -15.00 -24.77
C LYS B 291 19.15 -14.42 -23.50
N ASP B 292 17.83 -14.28 -23.52
CA ASP B 292 17.11 -13.93 -22.28
C ASP B 292 16.74 -15.25 -21.61
N LEU B 293 17.38 -15.56 -20.49
CA LEU B 293 17.10 -16.77 -19.72
C LEU B 293 15.66 -16.82 -19.24
N ALA B 294 14.97 -15.68 -19.24
CA ALA B 294 13.57 -15.63 -18.81
C ALA B 294 13.39 -16.04 -17.35
N GLN B 295 14.33 -15.60 -16.53
CA GLN B 295 14.28 -15.88 -15.09
C GLN B 295 13.96 -14.59 -14.31
N ASN B 296 13.32 -13.64 -14.98
CA ASN B 296 12.86 -12.41 -14.35
C ASN B 296 14.00 -11.54 -13.84
N GLY B 297 15.18 -11.70 -14.41
CA GLY B 297 16.35 -10.92 -14.05
C GLY B 297 17.12 -11.51 -12.87
N VAL B 298 16.55 -12.49 -12.19
CA VAL B 298 17.19 -13.14 -11.05
C VAL B 298 18.41 -13.95 -11.53
N LYS B 299 18.24 -14.60 -12.67
CA LYS B 299 19.36 -15.31 -13.31
C LYS B 299 19.44 -14.82 -14.75
N VAL B 300 20.59 -14.26 -15.12
CA VAL B 300 20.75 -13.74 -16.46
C VAL B 300 22.05 -14.22 -17.11
N ALA B 301 22.09 -14.13 -18.43
CA ALA B 301 23.28 -14.47 -19.20
C ALA B 301 24.34 -13.38 -19.04
N ALA B 302 25.60 -13.82 -19.14
CA ALA B 302 26.73 -12.92 -19.04
C ALA B 302 26.63 -11.80 -20.07
N GLY B 303 27.04 -10.60 -19.71
CA GLY B 303 27.02 -9.47 -20.63
C GLY B 303 25.87 -8.50 -20.45
N VAL B 304 24.86 -8.86 -19.66
CA VAL B 304 23.75 -7.92 -19.44
C VAL B 304 23.82 -7.32 -18.04
N PRO B 305 23.83 -6.00 -17.98
CA PRO B 305 23.85 -5.27 -16.73
C PRO B 305 22.53 -5.41 -15.97
N VAL B 306 22.64 -5.82 -14.71
CA VAL B 306 21.48 -6.01 -13.86
C VAL B 306 21.50 -5.00 -12.70
N THR B 307 20.38 -4.35 -12.44
CA THR B 307 20.26 -3.41 -11.34
C THR B 307 19.19 -3.93 -10.38
N LYS B 308 19.54 -3.98 -9.08
CA LYS B 308 18.54 -4.42 -8.10
C LYS B 308 17.47 -3.35 -7.94
N GLU B 309 16.27 -3.71 -7.53
CA GLU B 309 15.26 -2.66 -7.34
C GLU B 309 15.76 -1.63 -6.31
N SER B 310 16.49 -2.14 -5.32
CA SER B 310 17.02 -1.25 -4.27
C SER B 310 18.12 -0.34 -4.76
N GLU B 311 18.74 -0.59 -5.91
CA GLU B 311 19.83 0.25 -6.40
C GLU B 311 19.33 1.34 -7.33
N TRP B 312 18.07 1.30 -7.73
CA TRP B 312 17.48 2.31 -8.60
C TRP B 312 17.50 3.69 -7.92
N THR B 313 17.81 4.75 -8.68
CA THR B 313 17.80 6.08 -8.10
C THR B 313 16.66 6.98 -8.57
N GLY B 314 15.52 6.47 -8.98
CA GLY B 314 14.42 7.33 -9.41
C GLY B 314 13.68 7.93 -8.21
N LYS B 315 12.79 8.86 -8.46
CA LYS B 315 12.05 9.61 -7.46
C LYS B 315 10.55 9.49 -7.65
N ASN B 316 9.80 9.77 -6.60
CA ASN B 316 8.35 9.69 -6.55
C ASN B 316 7.86 8.27 -6.85
N PHE B 317 8.57 7.27 -6.34
CA PHE B 317 8.16 5.88 -6.51
C PHE B 317 6.94 5.56 -5.67
N VAL B 318 5.91 5.08 -6.34
CA VAL B 318 4.65 4.69 -5.73
C VAL B 318 4.45 3.19 -5.87
N PRO B 319 4.38 2.48 -4.75
CA PRO B 319 4.20 1.03 -4.75
C PRO B 319 2.76 0.64 -5.01
N PRO B 320 2.54 -0.57 -5.49
CA PRO B 320 1.21 -1.07 -5.74
C PRO B 320 0.39 -1.30 -4.47
N LEU B 321 -0.94 -1.28 -4.57
CA LEU B 321 -1.78 -1.67 -3.46
C LEU B 321 -1.74 -3.19 -3.29
N LYS B 322 -1.63 -3.91 -4.42
CA LYS B 322 -1.62 -5.37 -4.33
C LYS B 322 -0.85 -5.97 -5.51
N THR B 323 -0.08 -7.02 -5.23
CA THR B 323 0.67 -7.71 -6.27
C THR B 323 0.12 -9.13 -6.44
N LEU B 324 0.08 -9.55 -7.71
CA LEU B 324 -0.40 -10.87 -8.07
C LEU B 324 0.55 -11.47 -9.10
N TYR B 325 1.69 -12.00 -8.67
CA TYR B 325 2.00 -12.21 -7.26
C TYR B 325 3.46 -11.88 -6.96
N THR B 326 3.85 -11.87 -5.68
CA THR B 326 5.25 -11.64 -5.34
C THR B 326 5.85 -12.95 -4.83
N VAL B 327 7.04 -13.29 -5.27
CA VAL B 327 7.68 -14.54 -4.85
C VAL B 327 9.12 -14.25 -4.49
N GLN B 328 9.82 -15.22 -3.92
CA GLN B 328 11.21 -15.01 -3.53
C GLN B 328 12.20 -15.41 -4.61
N ASP B 329 13.46 -15.06 -4.42
CA ASP B 329 14.51 -15.31 -5.40
C ASP B 329 14.65 -16.78 -5.76
N THR B 330 14.32 -17.66 -4.82
CA THR B 330 14.45 -19.09 -5.02
C THR B 330 13.33 -19.64 -5.89
N TYR B 331 12.34 -18.83 -6.24
CA TYR B 331 11.22 -19.32 -7.04
C TYR B 331 11.73 -19.93 -8.34
N ASN B 332 11.10 -21.01 -8.79
CA ASN B 332 11.51 -21.68 -10.03
C ASN B 332 10.68 -21.18 -11.21
N TYR B 333 11.27 -20.39 -12.08
CA TYR B 333 10.55 -19.84 -13.23
C TYR B 333 10.50 -20.84 -14.38
N ASN B 334 11.07 -22.02 -14.19
CA ASN B 334 11.01 -23.08 -15.20
C ASN B 334 10.47 -24.36 -14.58
N ASP B 335 9.15 -24.37 -14.41
CA ASP B 335 8.44 -25.47 -13.78
C ASP B 335 7.86 -26.42 -14.83
N PRO B 336 8.34 -27.65 -14.86
CA PRO B 336 7.91 -28.64 -15.84
C PRO B 336 6.54 -29.22 -15.56
N THR B 337 5.53 -28.37 -15.53
CA THR B 337 4.15 -28.76 -15.32
C THR B 337 3.32 -28.10 -16.43
N CYS B 338 3.86 -26.96 -16.88
CA CYS B 338 3.26 -26.18 -17.95
C CYS B 338 3.91 -26.51 -19.28
N GLY B 339 4.55 -27.69 -19.33
CA GLY B 339 5.20 -28.19 -20.52
C GLY B 339 6.05 -27.17 -21.25
N GLU B 340 5.73 -26.99 -22.53
CA GLU B 340 6.45 -26.08 -23.39
C GLU B 340 5.94 -24.65 -23.20
N MET B 341 4.91 -24.50 -22.37
CA MET B 341 4.31 -23.18 -22.14
C MET B 341 4.60 -22.71 -20.71
N THR B 342 5.86 -22.84 -20.34
CA THR B 342 6.39 -22.52 -19.03
C THR B 342 5.74 -21.29 -18.42
N TYR B 343 5.67 -20.21 -19.20
CA TYR B 343 5.18 -18.93 -18.72
C TYR B 343 3.82 -19.02 -18.03
N ILE B 344 3.00 -19.98 -18.43
CA ILE B 344 1.66 -20.09 -17.82
C ILE B 344 1.78 -20.43 -16.35
N CYS B 345 2.87 -21.05 -15.93
CA CYS B 345 3.09 -21.42 -14.54
C CYS B 345 3.74 -20.29 -13.73
N TRP B 346 4.10 -19.20 -14.39
CA TRP B 346 4.68 -18.06 -13.70
C TRP B 346 3.67 -17.49 -12.71
N PRO B 347 4.16 -16.95 -11.60
CA PRO B 347 3.33 -16.36 -10.57
C PRO B 347 2.75 -15.01 -10.96
N THR B 348 1.87 -15.05 -11.95
CA THR B 348 1.14 -13.88 -12.45
C THR B 348 -0.28 -14.33 -12.79
N VAL B 349 -1.17 -13.38 -13.02
CA VAL B 349 -2.53 -13.73 -13.41
C VAL B 349 -2.90 -13.08 -14.74
N ALA B 350 -2.04 -12.19 -15.22
CA ALA B 350 -2.33 -11.50 -16.50
C ALA B 350 -3.66 -10.79 -16.50
N PRO B 351 -3.78 -9.71 -15.71
CA PRO B 351 -4.97 -8.91 -15.61
C PRO B 351 -5.18 -8.13 -16.90
N SER B 352 -6.40 -8.21 -17.44
CA SER B 352 -6.67 -7.60 -18.74
C SER B 352 -7.53 -6.36 -18.67
N SER B 353 -8.10 -6.08 -17.50
CA SER B 353 -8.93 -4.87 -17.35
C SER B 353 -9.05 -4.55 -15.83
N ALA B 354 -9.96 -3.64 -15.51
CA ALA B 354 -10.20 -3.28 -14.11
C ALA B 354 -11.53 -2.55 -14.04
N TYR B 355 -12.48 -3.07 -13.30
CA TYR B 355 -13.82 -2.47 -13.28
C TYR B 355 -14.29 -2.18 -11.85
N VAL B 356 -14.73 -0.95 -11.63
CA VAL B 356 -15.26 -0.57 -10.31
C VAL B 356 -16.74 -0.92 -10.22
N TYR B 357 -17.06 -1.92 -9.41
CA TYR B 357 -18.43 -2.38 -9.26
C TYR B 357 -19.25 -1.34 -8.49
N LYS B 358 -20.31 -0.80 -9.09
CA LYS B 358 -21.07 0.25 -8.41
C LYS B 358 -22.40 -0.20 -7.86
N GLY B 359 -22.65 -1.49 -7.74
CA GLY B 359 -23.93 -1.99 -7.22
C GLY B 359 -25.12 -1.46 -8.01
N GLY B 360 -26.17 -1.10 -7.29
CA GLY B 360 -27.42 -0.61 -7.89
C GLY B 360 -28.61 -1.24 -7.14
N LYS B 361 -29.81 -1.05 -7.65
CA LYS B 361 -30.99 -1.54 -6.94
C LYS B 361 -30.95 -3.05 -6.72
N LYS B 362 -30.18 -3.80 -7.49
CA LYS B 362 -30.07 -5.23 -7.24
C LYS B 362 -28.62 -5.62 -6.94
N ALA B 363 -27.91 -4.74 -6.25
CA ALA B 363 -26.51 -4.96 -5.92
C ALA B 363 -26.24 -6.36 -5.37
N ILE B 364 -25.10 -6.94 -5.68
CA ILE B 364 -24.72 -8.26 -5.20
C ILE B 364 -24.19 -8.17 -3.76
N THR B 365 -24.76 -8.98 -2.89
CA THR B 365 -24.41 -9.02 -1.47
C THR B 365 -22.91 -9.10 -1.20
N GLY B 366 -22.38 -8.13 -0.46
CA GLY B 366 -20.98 -8.12 -0.09
C GLY B 366 -20.03 -7.58 -1.14
N TRP B 367 -20.53 -7.01 -2.23
CA TRP B 367 -19.66 -6.53 -3.30
C TRP B 367 -19.42 -5.03 -3.25
N GLU B 368 -19.88 -4.38 -2.18
CA GLU B 368 -19.64 -2.95 -2.01
C GLU B 368 -18.13 -2.68 -2.14
N ASN B 369 -17.78 -1.61 -2.80
CA ASN B 369 -16.41 -1.15 -2.97
C ASN B 369 -15.45 -2.20 -3.49
N THR B 370 -15.92 -3.03 -4.43
CA THR B 370 -15.05 -4.03 -5.02
C THR B 370 -14.53 -3.56 -6.39
N LEU B 371 -13.41 -4.13 -6.76
CA LEU B 371 -12.79 -3.93 -8.06
C LEU B 371 -12.77 -5.31 -8.73
N LEU B 372 -13.34 -5.35 -9.95
CA LEU B 372 -13.35 -6.62 -10.68
C LEU B 372 -12.21 -6.61 -11.68
N VAL B 373 -11.38 -7.65 -11.61
CA VAL B 373 -10.19 -7.76 -12.42
C VAL B 373 -10.15 -9.13 -13.10
N PRO B 374 -10.46 -9.12 -14.40
CA PRO B 374 -10.44 -10.34 -15.18
C PRO B 374 -9.03 -10.82 -15.41
N SER B 375 -8.82 -12.13 -15.41
CA SER B 375 -7.55 -12.77 -15.65
C SER B 375 -7.54 -13.51 -17.00
N LEU B 376 -6.47 -13.35 -17.75
CA LEU B 376 -6.36 -14.07 -19.03
C LEU B 376 -5.92 -15.50 -18.83
N LYS B 377 -4.71 -15.70 -18.31
CA LYS B 377 -4.10 -17.00 -18.18
C LYS B 377 -4.65 -17.87 -17.08
N ARG B 378 -5.45 -17.35 -16.14
CA ARG B 378 -5.93 -18.22 -15.06
C ARG B 378 -7.39 -18.62 -15.25
N GLY B 379 -8.08 -17.93 -16.15
CA GLY B 379 -9.47 -18.27 -16.41
C GLY B 379 -10.38 -17.95 -15.22
N VAL B 380 -10.15 -16.80 -14.59
CA VAL B 380 -11.04 -16.37 -13.52
C VAL B 380 -11.24 -14.87 -13.58
N ILE B 381 -12.24 -14.36 -12.85
CA ILE B 381 -12.39 -12.93 -12.67
C ILE B 381 -12.18 -12.69 -11.16
N PHE B 382 -11.19 -11.86 -10.83
CA PHE B 382 -10.93 -11.62 -9.40
C PHE B 382 -11.87 -10.57 -8.83
N ARG B 383 -12.28 -10.76 -7.58
CA ARG B 383 -13.01 -9.71 -6.86
C ARG B 383 -12.05 -9.17 -5.78
N ILE B 384 -11.79 -7.88 -5.82
CA ILE B 384 -10.87 -7.26 -4.87
C ILE B 384 -11.62 -6.17 -4.11
N LYS B 385 -11.69 -6.38 -2.80
CA LYS B 385 -12.39 -5.47 -1.91
C LYS B 385 -11.50 -4.32 -1.47
N LEU B 386 -12.07 -3.13 -1.39
CA LEU B 386 -11.38 -1.97 -0.85
C LEU B 386 -12.22 -1.43 0.32
N ASP B 387 -11.66 -0.47 1.05
CA ASP B 387 -12.48 0.14 2.12
C ASP B 387 -13.39 1.16 1.43
N PRO B 388 -14.35 1.71 2.14
CA PRO B 388 -15.33 2.62 1.58
C PRO B 388 -14.74 3.88 0.99
N THR B 389 -13.50 4.23 1.33
CA THR B 389 -12.87 5.41 0.75
C THR B 389 -11.94 5.02 -0.40
N TYR B 390 -11.90 3.76 -0.75
CA TYR B 390 -11.03 3.29 -1.83
C TYR B 390 -9.58 3.71 -1.57
N SER B 391 -9.12 3.55 -0.32
CA SER B 391 -7.75 3.95 0.01
C SER B 391 -6.86 2.73 0.16
N THR B 392 -7.45 1.61 0.56
CA THR B 392 -6.68 0.40 0.72
C THR B 392 -7.47 -0.82 0.28
N THR B 393 -6.76 -1.91 -0.02
CA THR B 393 -7.49 -3.15 -0.31
C THR B 393 -7.73 -3.82 1.04
N TYR B 394 -8.70 -4.70 1.11
CA TYR B 394 -8.94 -5.57 2.24
C TYR B 394 -8.72 -7.01 1.78
N ASP B 395 -7.98 -7.78 2.56
CA ASP B 395 -7.79 -9.19 2.25
C ASP B 395 -7.19 -9.42 0.86
N ASP B 396 -7.57 -10.53 0.22
CA ASP B 396 -6.91 -10.98 -1.01
C ASP B 396 -7.78 -10.89 -2.26
N ALA B 397 -7.19 -11.21 -3.41
CA ALA B 397 -7.95 -11.22 -4.68
C ALA B 397 -8.68 -12.54 -4.77
N VAL B 398 -10.00 -12.48 -4.73
CA VAL B 398 -10.85 -13.68 -4.75
C VAL B 398 -11.22 -14.11 -6.18
N PRO B 399 -10.83 -15.29 -6.59
CA PRO B 399 -11.11 -15.80 -7.93
C PRO B 399 -12.56 -16.22 -8.09
N MET B 400 -13.15 -15.93 -9.26
CA MET B 400 -14.51 -16.31 -9.55
C MET B 400 -14.63 -16.81 -11.01
N PHE B 401 -15.71 -17.52 -11.28
CA PHE B 401 -16.05 -17.98 -12.63
C PHE B 401 -14.94 -18.77 -13.29
N LYS B 402 -14.29 -19.68 -12.56
CA LYS B 402 -13.18 -20.45 -13.10
C LYS B 402 -13.62 -21.23 -14.36
N SER B 403 -12.84 -21.13 -15.43
CA SER B 403 -13.14 -21.87 -16.65
C SER B 403 -11.95 -21.85 -17.60
N ASN B 404 -12.02 -22.71 -18.62
CA ASN B 404 -10.96 -22.75 -19.62
C ASN B 404 -11.19 -21.64 -20.64
N ASN B 405 -11.10 -20.40 -20.16
CA ASN B 405 -11.31 -19.21 -20.97
C ASN B 405 -10.32 -18.12 -20.57
N ARG B 406 -10.04 -17.21 -21.47
CA ARG B 406 -9.21 -16.03 -21.19
C ARG B 406 -10.14 -14.83 -21.10
N TYR B 407 -10.45 -14.42 -19.87
CA TYR B 407 -11.32 -13.28 -19.62
C TYR B 407 -10.61 -11.99 -19.98
N ARG B 408 -11.24 -11.18 -20.82
CA ARG B 408 -10.66 -9.96 -21.37
C ARG B 408 -11.24 -8.66 -20.87
N ASP B 409 -12.50 -8.64 -20.49
CA ASP B 409 -13.15 -7.44 -19.97
C ASP B 409 -14.45 -7.82 -19.25
N VAL B 410 -14.87 -6.94 -18.35
CA VAL B 410 -16.06 -7.18 -17.55
C VAL B 410 -16.74 -5.87 -17.17
N ILE B 411 -18.06 -5.87 -17.14
CA ILE B 411 -18.86 -4.75 -16.71
C ILE B 411 -20.06 -5.35 -15.96
N ALA B 412 -20.88 -4.52 -15.36
CA ALA B 412 -22.07 -4.99 -14.67
C ALA B 412 -23.25 -4.16 -15.18
N SER B 413 -24.46 -4.69 -15.10
CA SER B 413 -25.63 -3.91 -15.49
C SER B 413 -25.91 -2.86 -14.41
N PRO B 414 -26.63 -1.82 -14.76
CA PRO B 414 -26.97 -0.73 -13.86
C PRO B 414 -27.61 -1.19 -12.57
N ASP B 415 -28.35 -2.30 -12.59
CA ASP B 415 -28.98 -2.79 -11.36
C ASP B 415 -28.00 -3.61 -10.53
N GLY B 416 -26.87 -3.99 -11.13
CA GLY B 416 -25.80 -4.68 -10.46
C GLY B 416 -25.87 -6.17 -10.33
N ASN B 417 -26.98 -6.80 -10.69
CA ASN B 417 -27.13 -8.24 -10.53
C ASN B 417 -26.69 -9.08 -11.73
N VAL B 418 -26.28 -8.42 -12.80
CA VAL B 418 -25.76 -9.13 -13.96
C VAL B 418 -24.40 -8.62 -14.39
N LEU B 419 -23.48 -9.54 -14.63
CA LEU B 419 -22.17 -9.19 -15.16
C LEU B 419 -22.10 -9.61 -16.64
N TYR B 420 -21.45 -8.79 -17.43
CA TYR B 420 -21.19 -9.10 -18.84
C TYR B 420 -19.69 -9.18 -19.04
N VAL B 421 -19.19 -10.29 -19.59
CA VAL B 421 -17.76 -10.46 -19.79
C VAL B 421 -17.41 -10.85 -21.22
N LEU B 422 -16.21 -10.46 -21.64
CA LEU B 422 -15.67 -10.82 -22.94
C LEU B 422 -14.55 -11.84 -22.75
N THR B 423 -14.40 -12.76 -23.71
CA THR B 423 -13.34 -13.75 -23.65
C THR B 423 -12.51 -13.68 -24.92
N ASP B 424 -11.28 -14.15 -24.87
CA ASP B 424 -10.38 -14.13 -26.02
C ASP B 424 -10.77 -15.23 -27.01
N THR B 425 -10.49 -14.96 -28.27
CA THR B 425 -10.78 -15.91 -29.35
C THR B 425 -9.84 -17.10 -29.29
N ALA B 426 -8.57 -16.84 -29.00
CA ALA B 426 -7.56 -17.87 -28.90
C ALA B 426 -6.45 -17.49 -27.91
N GLY B 427 -5.71 -18.49 -27.47
CA GLY B 427 -4.63 -18.28 -26.52
C GLY B 427 -4.52 -19.46 -25.55
N ASN B 428 -3.57 -19.35 -24.64
CA ASN B 428 -3.34 -20.38 -23.63
C ASN B 428 -4.05 -20.03 -22.33
N VAL B 429 -4.59 -21.04 -21.66
CA VAL B 429 -5.25 -20.85 -20.37
C VAL B 429 -4.88 -22.02 -19.46
N GLN B 430 -4.86 -21.78 -18.15
CA GLN B 430 -4.53 -22.83 -17.20
C GLN B 430 -5.77 -23.62 -16.80
N LYS B 431 -5.66 -24.95 -16.89
CA LYS B 431 -6.77 -25.83 -16.56
C LYS B 431 -6.88 -26.06 -15.05
N ASP B 432 -8.01 -26.64 -14.64
CA ASP B 432 -8.25 -26.94 -13.24
C ASP B 432 -7.08 -27.62 -12.55
N ASP B 433 -6.24 -28.32 -13.30
CA ASP B 433 -5.12 -29.04 -12.69
C ASP B 433 -3.79 -28.35 -12.93
N GLY B 434 -3.81 -27.07 -13.27
CA GLY B 434 -2.57 -26.32 -13.47
C GLY B 434 -1.91 -26.55 -14.82
N SER B 435 -2.37 -27.55 -15.57
CA SER B 435 -1.79 -27.82 -16.89
C SER B 435 -2.35 -26.83 -17.91
N VAL B 436 -1.59 -26.64 -19.00
CA VAL B 436 -1.91 -25.66 -20.02
C VAL B 436 -2.80 -26.20 -21.14
N THR B 437 -3.74 -25.39 -21.60
CA THR B 437 -4.57 -25.77 -22.74
C THR B 437 -4.85 -24.56 -23.64
N ASN B 438 -4.92 -24.81 -24.96
CA ASN B 438 -5.26 -23.74 -25.89
C ASN B 438 -6.65 -23.99 -26.48
N THR B 439 -7.38 -24.91 -25.84
CA THR B 439 -8.77 -25.19 -26.17
C THR B 439 -9.66 -24.38 -25.25
N LEU B 440 -10.12 -23.24 -25.74
CA LEU B 440 -10.96 -22.34 -24.95
C LEU B 440 -12.42 -22.73 -25.06
N GLU B 441 -13.09 -22.84 -23.91
CA GLU B 441 -14.48 -23.26 -23.89
C GLU B 441 -15.40 -22.29 -24.60
N ASN B 442 -15.12 -20.99 -24.52
CA ASN B 442 -16.00 -20.00 -25.15
C ASN B 442 -15.17 -19.00 -25.93
N PRO B 443 -14.78 -19.37 -27.15
CA PRO B 443 -13.94 -18.56 -27.99
C PRO B 443 -14.56 -17.26 -28.45
N GLY B 444 -13.91 -16.15 -28.14
CA GLY B 444 -14.35 -14.82 -28.52
C GLY B 444 -15.81 -14.57 -28.19
N SER B 445 -16.17 -14.75 -26.92
CA SER B 445 -17.57 -14.61 -26.55
C SER B 445 -17.91 -13.38 -25.71
N LEU B 446 -19.22 -13.11 -25.71
CA LEU B 446 -19.87 -12.15 -24.84
C LEU B 446 -20.71 -13.04 -23.92
N ILE B 447 -20.34 -13.10 -22.65
CA ILE B 447 -21.00 -13.97 -21.70
C ILE B 447 -21.71 -13.14 -20.62
N LYS B 448 -22.85 -13.64 -20.18
CA LYS B 448 -23.64 -12.98 -19.15
C LYS B 448 -23.75 -13.86 -17.91
N PHE B 449 -23.44 -13.30 -16.74
CA PHE B 449 -23.54 -14.02 -15.47
C PHE B 449 -24.60 -13.33 -14.61
N THR B 450 -25.69 -14.04 -14.35
CA THR B 450 -26.80 -13.48 -13.58
C THR B 450 -26.80 -14.00 -12.15
N TYR B 451 -26.82 -13.09 -11.19
CA TYR B 451 -26.84 -13.50 -9.78
C TYR B 451 -28.17 -14.18 -9.48
N LYS B 452 -28.09 -15.41 -8.98
CA LYS B 452 -29.28 -16.18 -8.65
C LYS B 452 -30.01 -15.59 -7.45
C2 BGC C . 11.14 -6.29 23.08
C3 BGC C . 12.47 -5.66 23.51
C4 BGC C . 13.54 -6.63 23.03
C5 BGC C . 13.54 -6.73 21.50
C6 BGC C . 14.37 -7.87 20.91
C1 BGC C . 11.16 -6.45 21.53
O1 BGC C . 9.97 -7.16 21.13
O2 BGC C . 10.08 -5.42 23.55
O3 BGC C . 12.57 -5.72 24.94
O4 BGC C . 14.81 -6.14 23.35
O5 BGC C . 12.25 -7.31 21.10
O6 BGC C . 14.12 -9.14 21.46
CA CA D . 4.98 -10.76 5.83
CA CA E . 0.49 -5.26 10.25
CA CA F . 11.26 -5.88 16.85
N1 PQQ G . 12.20 -1.18 22.04
C2 PQQ G . 11.04 -0.81 22.65
C2X PQQ G . 11.07 0.19 23.62
O2A PQQ G . 12.16 0.54 24.12
O2B PQQ G . 10.08 0.76 24.05
C3 PQQ G . 10.00 -1.57 22.14
C3A PQQ G . 10.51 -2.41 21.21
C1A PQQ G . 11.85 -2.18 21.16
C4 PQQ G . 9.89 -3.35 20.38
O4 PQQ G . 8.53 -3.60 20.39
C5 PQQ G . 10.64 -4.05 19.47
O5 PQQ G . 10.03 -4.96 18.66
C6A PQQ G . 12.04 -3.84 19.39
N6 PQQ G . 12.60 -4.60 18.43
C7 PQQ G . 13.90 -4.43 18.23
C7X PQQ G . 14.36 -5.19 17.14
O7A PQQ G . 13.55 -5.86 16.44
O7B PQQ G . 15.59 -5.21 16.85
C8 PQQ G . 14.62 -3.55 19.02
C9 PQQ G . 14.03 -2.79 20.03
C9X PQQ G . 14.84 -1.95 20.87
O9A PQQ G . 15.86 -1.38 20.47
O9B PQQ G . 14.59 -1.73 22.05
C9A PQQ G . 12.67 -2.89 20.25
C2 BGC H . 3.63 -10.91 -23.79
C3 BGC H . 2.83 -12.13 -24.23
C4 BGC H . 3.57 -13.36 -23.72
C5 BGC H . 3.68 -13.34 -22.18
C6 BGC H . 4.64 -14.35 -21.57
C1 BGC H . 3.80 -10.96 -22.23
O1 BGC H . 4.65 -9.88 -21.83
O2 BGC H . 2.88 -9.74 -24.20
O3 BGC H . 2.91 -12.24 -25.68
O4 BGC H . 2.84 -14.51 -24.00
O5 BGC H . 4.52 -12.17 -21.83
O6 BGC H . 5.93 -14.35 -22.12
CA CA I . 4.84 -0.72 -10.47
CA CA J . 9.69 -6.16 -6.53
CA CA K . 3.43 -11.19 -17.50
N1 PQQ L . -1.57 -11.07 -22.43
C2 PQQ L . -1.76 -9.84 -22.96
C2X PQQ L . -2.73 -9.65 -23.92
O2A PQQ L . -3.23 -10.66 -24.47
O2B PQQ L . -3.12 -8.55 -24.27
C3 PQQ L . -0.83 -8.96 -22.44
C3A PQQ L . -0.05 -9.67 -21.57
C1A PQQ L . -0.50 -10.96 -21.56
C4 PQQ L . 1.03 -9.25 -20.78
O4 PQQ L . 1.49 -7.94 -20.75
C5 PQQ L . 1.66 -10.16 -19.98
O5 PQQ L . 2.70 -9.75 -19.20
C6A PQQ L . 1.23 -11.51 -19.95
N6 PQQ L . 1.96 -12.24 -19.10
C7 PQQ L . 1.60 -13.50 -18.94
C7X PQQ L . 2.30 -14.14 -17.90
O7A PQQ L . 3.08 -13.50 -17.15
O7B PQQ L . 2.15 -15.38 -17.69
C8 PQQ L . 0.56 -14.03 -19.69
C9 PQQ L . -0.18 -13.26 -20.60
C9X PQQ L . -1.21 -13.89 -21.38
O9A PQQ L . -1.69 -14.99 -21.05
O9B PQQ L . -1.68 -13.44 -22.41
C9A PQQ L . 0.13 -11.93 -20.75
#